data_7C7X
#
_entry.id   7C7X
#
_cell.length_a   66.710
_cell.length_b   128.396
_cell.length_c   140.275
_cell.angle_alpha   90.000
_cell.angle_beta   90.000
_cell.angle_gamma   90.000
#
_symmetry.space_group_name_H-M   'P 21 21 21'
#
loop_
_entity.id
_entity.type
_entity.pdbx_description
1 polymer 'Histone H2A.6'
2 polymer 'Histone H2B.1'
3 polymer 'NAP1-related protein 1'
4 non-polymer GLYCEROL
5 water water
#
loop_
_entity_poly.entity_id
_entity_poly.type
_entity_poly.pdbx_seq_one_letter_code
_entity_poly.pdbx_strand_id
1 'polypeptide(L)'
;KKATSRSSKAGLQFPVGRIARFLKAGKYAERVGAGAPVYLAAVLEYLAAEVLELAGNAARDNKKTRIVPRHIQLAVRNDE
ELSKLLGDVTIAN
;
C,A
2 'polypeptide(L)'
;KKRSKKNVETYKIYIFKVLKQVHPDIGISSKAMGIMNSFINDIFEKLAQESSKLARYNKKPTITSREIQTAVRLVLPGEL
AKHAVSEGTKAVTKFTSS
;
D,B
3 'polypeptide(L)'
;SNLEQIDAELVLSIEKLQEIQDDLEKINEKASDEVLEVEQKYNVIRKPVYDKRNEVIQSIPGFWMTAFLSHPALGDLLTE
EDQKIFKYLNSLEVEDAKDVKSGYSITFHFTSNPFFEDAKLTKTFTFLEEGTTKITATPIKWKEGKGLPNGVNHDDKKGN
KRALPEESFFTWFTDAQHKEDAGDEIHDEVADIIKEDLWSNPLTYFNNDADEEDFDGDDDGDEEGEEDDDDEEEEDGEE
;
E,F
#
# COMPACT_ATOMS: atom_id res chain seq x y z
N GLY A 11 14.09 -37.78 4.93
CA GLY A 11 14.12 -37.29 3.52
C GLY A 11 12.75 -37.34 2.86
N LEU A 12 11.87 -36.38 3.15
CA LEU A 12 10.56 -36.25 2.45
C LEU A 12 10.76 -35.76 1.01
N GLN A 13 9.90 -36.24 0.12
CA GLN A 13 9.86 -35.86 -1.31
C GLN A 13 8.95 -34.64 -1.50
N PHE A 14 7.87 -34.55 -0.71
CA PHE A 14 6.76 -33.57 -0.90
C PHE A 14 7.17 -32.24 -0.30
N PRO A 15 6.60 -31.10 -0.76
CA PRO A 15 7.16 -29.78 -0.41
C PRO A 15 6.62 -29.17 0.90
N VAL A 16 7.40 -29.22 1.98
CA VAL A 16 6.89 -28.74 3.30
C VAL A 16 6.55 -27.25 3.17
N GLY A 17 7.47 -26.45 2.65
CA GLY A 17 7.28 -24.98 2.62
C GLY A 17 6.04 -24.66 1.81
N ARG A 18 6.01 -25.16 0.58
CA ARG A 18 4.91 -24.89 -0.37
C ARG A 18 3.56 -25.26 0.28
N ILE A 19 3.50 -26.38 0.99
CA ILE A 19 2.25 -26.86 1.68
C ILE A 19 1.94 -25.93 2.87
N ALA A 20 2.97 -25.56 3.66
CA ALA A 20 2.84 -24.56 4.73
C ALA A 20 2.14 -23.34 4.12
N ARG A 21 2.65 -22.80 3.01
CA ARG A 21 2.03 -21.60 2.38
C ARG A 21 0.58 -21.91 2.00
N PHE A 22 0.30 -23.10 1.47
CA PHE A 22 -1.06 -23.46 0.98
C PHE A 22 -2.08 -23.40 2.13
N LEU A 23 -1.67 -23.75 3.35
CA LEU A 23 -2.55 -23.69 4.55
C LEU A 23 -2.78 -22.23 4.93
N LYS A 24 -1.75 -21.39 4.90
CA LYS A 24 -1.87 -19.98 5.31
C LYS A 24 -2.78 -19.25 4.30
N ALA A 25 -2.34 -19.19 3.04
CA ALA A 25 -3.02 -18.51 1.90
C ALA A 25 -4.41 -19.11 1.69
N GLY A 26 -4.54 -20.42 1.84
CA GLY A 26 -5.85 -21.11 1.81
C GLY A 26 -6.84 -20.49 2.79
N LYS A 27 -6.37 -19.76 3.79
CA LYS A 27 -7.23 -19.11 4.79
C LYS A 27 -7.85 -20.21 5.65
N TYR A 28 -7.13 -21.34 5.80
CA TYR A 28 -7.54 -22.50 6.64
C TYR A 28 -7.23 -22.15 8.08
N ALA A 29 -6.10 -21.51 8.30
CA ALA A 29 -5.77 -20.87 9.60
C ALA A 29 -4.66 -19.86 9.39
N GLU A 30 -4.67 -18.76 10.14
CA GLU A 30 -3.71 -17.64 9.96
C GLU A 30 -2.37 -18.03 10.60
N ARG A 31 -2.37 -19.10 11.42
CA ARG A 31 -1.17 -19.60 12.13
C ARG A 31 -1.02 -21.12 11.96
N VAL A 32 0.22 -21.60 11.96
CA VAL A 32 0.62 -22.99 11.59
C VAL A 32 1.92 -23.28 12.33
N GLY A 33 2.01 -24.34 13.11
CA GLY A 33 3.29 -24.72 13.73
C GLY A 33 3.95 -25.74 12.83
N ALA A 34 5.23 -25.56 12.49
CA ALA A 34 5.88 -26.23 11.33
C ALA A 34 5.81 -27.75 11.49
N GLY A 35 5.15 -28.23 12.55
CA GLY A 35 4.78 -29.65 12.66
C GLY A 35 3.82 -30.03 11.56
N ALA A 36 2.83 -29.19 11.30
CA ALA A 36 1.72 -29.52 10.39
C ALA A 36 2.19 -29.71 8.95
N PRO A 37 2.87 -28.72 8.32
CA PRO A 37 3.26 -28.88 6.91
C PRO A 37 4.11 -30.13 6.71
N VAL A 38 5.05 -30.39 7.63
CA VAL A 38 5.85 -31.65 7.71
C VAL A 38 4.93 -32.85 7.81
N TYR A 39 4.07 -32.86 8.83
CA TYR A 39 3.16 -34.00 9.11
C TYR A 39 2.29 -34.25 7.87
N LEU A 40 1.72 -33.19 7.31
CA LEU A 40 0.75 -33.24 6.18
C LEU A 40 1.49 -33.70 4.92
N ALA A 41 2.69 -33.15 4.67
CA ALA A 41 3.51 -33.53 3.51
C ALA A 41 3.76 -35.04 3.55
N ALA A 42 4.24 -35.57 4.67
CA ALA A 42 4.49 -37.03 4.86
C ALA A 42 3.26 -37.85 4.46
N VAL A 43 2.05 -37.36 4.77
CA VAL A 43 0.78 -38.08 4.49
C VAL A 43 0.48 -38.06 3.00
N LEU A 44 0.59 -36.91 2.33
CA LEU A 44 0.26 -36.85 0.88
C LEU A 44 1.28 -37.69 0.08
N GLU A 45 2.51 -37.85 0.62
CA GLU A 45 3.57 -38.70 0.02
C GLU A 45 3.13 -40.17 0.11
N TYR A 46 2.66 -40.62 1.27
CA TYR A 46 2.26 -42.03 1.47
C TYR A 46 1.03 -42.33 0.59
N LEU A 47 0.08 -41.40 0.53
CA LEU A 47 -1.15 -41.61 -0.28
C LEU A 47 -0.86 -41.57 -1.78
N ALA A 48 0.29 -41.03 -2.19
CA ALA A 48 0.72 -41.16 -3.60
C ALA A 48 1.46 -42.50 -3.74
N ALA A 49 2.39 -42.78 -2.83
CA ALA A 49 3.18 -44.04 -2.78
C ALA A 49 2.30 -45.29 -2.57
N GLU A 50 0.99 -45.16 -2.40
CA GLU A 50 0.06 -46.31 -2.52
C GLU A 50 -0.48 -46.30 -3.94
N VAL A 51 -1.17 -45.22 -4.32
CA VAL A 51 -1.88 -45.13 -5.64
C VAL A 51 -0.85 -45.18 -6.78
N LEU A 52 0.45 -45.36 -6.50
CA LEU A 52 1.47 -45.56 -7.57
C LEU A 52 1.95 -47.01 -7.55
N GLU A 53 2.37 -47.55 -6.40
CA GLU A 53 2.71 -48.99 -6.25
C GLU A 53 1.53 -49.86 -6.72
N LEU A 54 0.33 -49.32 -6.95
CA LEU A 54 -0.84 -50.09 -7.47
C LEU A 54 -1.03 -49.75 -8.96
N ALA A 55 -1.17 -48.47 -9.31
CA ALA A 55 -1.34 -47.97 -10.70
C ALA A 55 -0.18 -48.47 -11.59
N GLY A 56 1.03 -48.56 -11.02
CA GLY A 56 2.23 -49.06 -11.70
C GLY A 56 2.20 -50.58 -11.88
N ASN A 57 1.59 -51.32 -10.95
CA ASN A 57 1.36 -52.78 -11.11
C ASN A 57 0.38 -52.98 -12.27
N ALA A 58 -0.76 -52.27 -12.24
CA ALA A 58 -1.76 -52.18 -13.35
C ALA A 58 -1.08 -52.03 -14.71
N ALA A 59 -0.03 -51.22 -14.80
CA ALA A 59 0.68 -50.93 -16.07
C ALA A 59 1.43 -52.18 -16.57
N ARG A 60 1.71 -53.16 -15.71
CA ARG A 60 2.38 -54.43 -16.11
C ARG A 60 1.37 -55.56 -16.28
N ASP A 61 0.15 -55.41 -15.73
CA ASP A 61 -0.99 -56.32 -16.00
C ASP A 61 -1.40 -56.20 -17.48
N ASN A 62 -1.93 -55.03 -17.86
CA ASN A 62 -2.38 -54.68 -19.24
C ASN A 62 -1.14 -54.57 -20.16
N LYS A 63 0.05 -54.91 -19.64
CA LYS A 63 1.27 -55.31 -20.42
C LYS A 63 2.00 -54.08 -20.98
N LYS A 64 2.22 -53.04 -20.16
CA LYS A 64 2.85 -51.75 -20.58
C LYS A 64 3.91 -51.30 -19.57
N THR A 65 4.50 -50.11 -19.81
CA THR A 65 5.42 -49.41 -18.89
C THR A 65 5.18 -47.90 -18.99
N ARG A 66 3.91 -47.51 -19.17
CA ARG A 66 3.44 -46.10 -19.27
C ARG A 66 2.05 -46.01 -18.62
N ILE A 67 1.95 -45.62 -17.34
CA ILE A 67 0.65 -45.56 -16.59
C ILE A 67 -0.26 -44.53 -17.27
N VAL A 68 -1.56 -44.84 -17.34
CA VAL A 68 -2.62 -44.02 -18.01
C VAL A 68 -3.92 -44.15 -17.24
N PRO A 69 -4.94 -43.30 -17.53
CA PRO A 69 -6.17 -43.26 -16.75
C PRO A 69 -6.79 -44.64 -16.46
N ARG A 70 -6.73 -45.55 -17.44
CA ARG A 70 -7.26 -46.93 -17.32
C ARG A 70 -6.54 -47.68 -16.20
N HIS A 71 -5.23 -47.48 -16.06
CA HIS A 71 -4.37 -48.15 -15.04
C HIS A 71 -4.71 -47.68 -13.63
N ILE A 72 -4.99 -46.38 -13.46
CA ILE A 72 -5.26 -45.74 -12.14
C ILE A 72 -6.67 -46.15 -11.69
N GLN A 73 -7.65 -46.04 -12.61
CA GLN A 73 -9.06 -46.44 -12.38
C GLN A 73 -9.09 -47.85 -11.82
N LEU A 74 -8.37 -48.80 -12.44
CA LEU A 74 -8.37 -50.23 -12.04
C LEU A 74 -7.67 -50.40 -10.69
N ALA A 75 -6.49 -49.79 -10.53
CA ALA A 75 -5.67 -49.83 -9.30
C ALA A 75 -6.50 -49.30 -8.10
N VAL A 76 -7.32 -48.26 -8.30
CA VAL A 76 -8.20 -47.68 -7.24
C VAL A 76 -9.32 -48.68 -6.96
N ARG A 77 -10.29 -48.81 -7.88
CA ARG A 77 -11.60 -49.50 -7.69
C ARG A 77 -11.39 -50.87 -7.02
N ASN A 78 -10.35 -51.61 -7.40
CA ASN A 78 -10.07 -52.98 -6.88
C ASN A 78 -9.80 -52.91 -5.36
N ASP A 79 -8.89 -52.03 -4.89
CA ASP A 79 -8.60 -51.82 -3.44
C ASP A 79 -9.74 -50.98 -2.85
N GLU A 80 -10.25 -51.41 -1.69
CA GLU A 80 -11.52 -50.95 -1.07
C GLU A 80 -11.32 -49.53 -0.52
N GLU A 81 -10.24 -49.34 0.23
CA GLU A 81 -9.97 -48.11 1.01
C GLU A 81 -9.89 -46.93 0.04
N LEU A 82 -9.29 -47.12 -1.14
CA LEU A 82 -8.94 -46.00 -2.05
C LEU A 82 -10.16 -45.58 -2.89
N SER A 83 -11.13 -46.48 -3.10
CA SER A 83 -12.43 -46.17 -3.77
C SER A 83 -13.34 -45.41 -2.80
N LYS A 84 -13.24 -45.68 -1.49
CA LYS A 84 -13.96 -44.95 -0.42
C LYS A 84 -13.43 -43.51 -0.33
N LEU A 85 -12.11 -43.36 -0.17
CA LEU A 85 -11.35 -42.08 -0.18
C LEU A 85 -11.67 -41.23 -1.42
N LEU A 86 -11.36 -41.76 -2.61
CA LEU A 86 -11.26 -40.99 -3.89
C LEU A 86 -12.60 -40.96 -4.63
N GLY A 87 -13.28 -42.12 -4.75
CA GLY A 87 -14.56 -42.22 -5.48
C GLY A 87 -14.41 -42.97 -6.82
N ASP A 88 -15.29 -42.66 -7.77
CA ASP A 88 -15.50 -43.47 -9.01
C ASP A 88 -14.27 -43.36 -9.92
N VAL A 89 -13.79 -42.13 -10.18
CA VAL A 89 -12.61 -41.81 -11.04
C VAL A 89 -13.04 -41.86 -12.51
N THR A 90 -14.09 -41.10 -12.87
CA THR A 90 -14.72 -41.05 -14.24
C THR A 90 -13.76 -40.38 -15.23
N ILE A 91 -13.50 -41.04 -16.37
CA ILE A 91 -12.40 -40.73 -17.33
C ILE A 91 -13.02 -40.43 -18.70
N VAL B 8 -6.81 -24.73 -7.98
CA VAL B 8 -6.07 -26.04 -8.23
C VAL B 8 -4.57 -25.80 -8.10
N GLU B 9 -3.78 -26.88 -7.94
CA GLU B 9 -2.36 -26.77 -7.50
C GLU B 9 -1.52 -27.94 -7.99
N THR B 10 -0.20 -27.73 -8.11
CA THR B 10 0.77 -28.70 -8.71
C THR B 10 1.59 -29.45 -7.67
N TYR B 11 1.38 -30.76 -7.56
CA TYR B 11 2.26 -31.68 -6.79
C TYR B 11 2.99 -32.61 -7.78
N LYS B 12 2.98 -32.28 -9.08
CA LYS B 12 3.34 -33.21 -10.21
C LYS B 12 4.83 -33.55 -10.21
N ILE B 13 5.69 -32.58 -9.87
CA ILE B 13 7.13 -32.83 -9.64
C ILE B 13 7.31 -33.94 -8.60
N TYR B 14 6.42 -34.09 -7.61
CA TYR B 14 6.68 -35.02 -6.47
C TYR B 14 5.96 -36.34 -6.72
N ILE B 15 4.80 -36.29 -7.39
CA ILE B 15 4.07 -37.50 -7.85
C ILE B 15 4.99 -38.29 -8.79
N PHE B 16 5.54 -37.64 -9.82
CA PHE B 16 6.66 -38.14 -10.70
C PHE B 16 7.80 -38.72 -9.85
N LYS B 17 8.26 -37.97 -8.85
CA LYS B 17 9.50 -38.31 -8.09
C LYS B 17 9.22 -39.52 -7.21
N VAL B 18 7.97 -39.72 -6.79
CA VAL B 18 7.61 -40.85 -5.89
C VAL B 18 7.50 -42.10 -6.79
N LEU B 19 6.82 -41.95 -7.93
CA LEU B 19 6.68 -42.97 -9.00
C LEU B 19 8.06 -43.59 -9.29
N LYS B 20 9.12 -42.78 -9.29
CA LYS B 20 10.51 -43.24 -9.61
C LYS B 20 11.15 -43.92 -8.39
N GLN B 21 10.38 -44.31 -7.38
CA GLN B 21 10.93 -45.12 -6.25
C GLN B 21 10.11 -46.42 -6.07
N VAL B 22 8.82 -46.42 -6.42
CA VAL B 22 7.94 -47.61 -6.23
C VAL B 22 8.03 -48.51 -7.47
N HIS B 23 8.06 -47.88 -8.66
CA HIS B 23 8.17 -48.54 -10.00
C HIS B 23 9.11 -47.71 -10.89
N PRO B 24 10.45 -47.75 -10.65
CA PRO B 24 11.37 -46.85 -11.34
C PRO B 24 11.29 -46.96 -12.88
N ASP B 25 10.53 -47.95 -13.34
CA ASP B 25 10.58 -48.54 -14.70
C ASP B 25 9.44 -47.99 -15.57
N ILE B 26 8.54 -47.19 -14.98
CA ILE B 26 7.24 -46.78 -15.61
C ILE B 26 7.12 -45.25 -15.55
N GLY B 27 6.78 -44.63 -16.68
CA GLY B 27 6.42 -43.21 -16.79
C GLY B 27 4.95 -43.01 -16.45
N ILE B 28 4.35 -41.94 -16.93
CA ILE B 28 2.90 -41.66 -16.71
C ILE B 28 2.49 -40.64 -17.78
N SER B 29 1.24 -40.70 -18.26
CA SER B 29 0.76 -39.84 -19.36
C SER B 29 0.52 -38.42 -18.81
N SER B 30 -0.26 -37.61 -19.53
CA SER B 30 -0.71 -36.26 -19.08
C SER B 30 -2.06 -36.35 -18.39
N LYS B 31 -3.04 -37.00 -19.03
CA LYS B 31 -4.39 -37.24 -18.44
C LYS B 31 -4.24 -38.06 -17.14
N ALA B 32 -3.19 -38.88 -17.02
CA ALA B 32 -2.95 -39.79 -15.88
C ALA B 32 -2.28 -39.05 -14.73
N MET B 33 -1.21 -38.31 -15.03
CA MET B 33 -0.56 -37.39 -14.05
C MET B 33 -1.65 -36.44 -13.52
N GLY B 34 -2.31 -35.71 -14.44
CA GLY B 34 -3.38 -34.73 -14.15
C GLY B 34 -4.47 -35.29 -13.26
N ILE B 35 -4.62 -36.62 -13.20
CA ILE B 35 -5.64 -37.32 -12.38
C ILE B 35 -5.02 -37.67 -11.01
N MET B 36 -3.73 -38.00 -10.96
CA MET B 36 -2.93 -38.17 -9.69
C MET B 36 -2.77 -36.82 -8.96
N ASN B 37 -2.41 -35.78 -9.72
CA ASN B 37 -2.33 -34.36 -9.27
C ASN B 37 -3.68 -33.90 -8.70
N SER B 38 -4.78 -34.34 -9.30
CA SER B 38 -6.15 -34.02 -8.82
C SER B 38 -6.43 -34.79 -7.52
N PHE B 39 -5.97 -36.04 -7.43
CA PHE B 39 -6.09 -36.90 -6.22
C PHE B 39 -5.46 -36.14 -5.06
N ILE B 40 -4.18 -35.76 -5.16
CA ILE B 40 -3.47 -35.13 -4.01
C ILE B 40 -4.15 -33.80 -3.65
N ASN B 41 -4.49 -32.94 -4.63
CA ASN B 41 -5.27 -31.68 -4.37
C ASN B 41 -6.50 -32.02 -3.51
N ASP B 42 -7.32 -32.95 -3.99
CA ASP B 42 -8.58 -33.45 -3.35
C ASP B 42 -8.33 -33.81 -1.88
N ILE B 43 -7.28 -34.56 -1.55
CA ILE B 43 -6.99 -35.01 -0.15
C ILE B 43 -6.56 -33.80 0.70
N PHE B 44 -5.56 -33.06 0.25
CA PHE B 44 -5.08 -31.85 0.95
C PHE B 44 -6.27 -30.97 1.37
N GLU B 45 -7.14 -30.64 0.41
CA GLU B 45 -8.38 -29.85 0.64
C GLU B 45 -9.24 -30.47 1.75
N LYS B 46 -9.50 -31.78 1.69
CA LYS B 46 -10.33 -32.44 2.73
C LYS B 46 -9.59 -32.33 4.06
N LEU B 47 -8.28 -32.59 4.08
CA LEU B 47 -7.49 -32.58 5.34
C LEU B 47 -7.46 -31.17 5.93
N ALA B 48 -7.20 -30.16 5.09
CA ALA B 48 -7.02 -28.75 5.52
C ALA B 48 -8.32 -28.26 6.14
N GLN B 49 -9.44 -28.51 5.47
CA GLN B 49 -10.78 -28.04 5.93
C GLN B 49 -11.14 -28.70 7.26
N GLU B 50 -10.66 -29.91 7.48
CA GLU B 50 -10.80 -30.64 8.75
C GLU B 50 -9.88 -30.00 9.81
N SER B 51 -8.58 -29.87 9.55
CA SER B 51 -7.62 -29.32 10.56
C SER B 51 -8.08 -27.93 10.97
N SER B 52 -8.80 -27.26 10.08
CA SER B 52 -9.14 -25.83 10.24
C SER B 52 -10.34 -25.68 11.18
N LYS B 53 -11.27 -26.65 11.15
CA LYS B 53 -12.34 -26.77 12.17
C LYS B 53 -11.70 -27.22 13.48
N LEU B 54 -10.83 -28.22 13.43
CA LEU B 54 -10.21 -28.78 14.66
C LEU B 54 -9.27 -27.75 15.28
N ALA B 55 -8.85 -26.72 14.55
CA ALA B 55 -8.04 -25.65 15.15
C ALA B 55 -8.97 -24.75 15.98
N ARG B 56 -10.11 -24.41 15.40
CA ARG B 56 -11.08 -23.46 16.00
C ARG B 56 -11.76 -24.14 17.20
N TYR B 57 -11.91 -25.47 17.20
CA TYR B 57 -12.51 -26.23 18.34
C TYR B 57 -11.61 -26.08 19.56
N ASN B 58 -10.35 -26.49 19.39
CA ASN B 58 -9.35 -26.53 20.49
C ASN B 58 -8.61 -25.20 20.61
N LYS B 59 -9.34 -24.12 20.89
CA LYS B 59 -8.81 -22.74 20.94
C LYS B 59 -8.03 -22.51 22.25
N LYS B 60 -6.95 -23.24 22.47
CA LYS B 60 -6.04 -22.98 23.62
C LYS B 60 -4.94 -22.03 23.14
N PRO B 61 -4.33 -21.18 23.98
CA PRO B 61 -3.19 -20.38 23.56
C PRO B 61 -2.01 -21.31 23.26
N THR B 62 -1.31 -21.06 22.15
CA THR B 62 -0.21 -21.92 21.68
C THR B 62 1.05 -21.08 21.34
N ILE B 63 2.20 -21.54 21.84
CA ILE B 63 3.55 -20.95 21.61
C ILE B 63 4.08 -21.59 20.34
N THR B 64 4.30 -20.81 19.29
CA THR B 64 4.91 -21.25 18.00
C THR B 64 6.29 -20.61 17.99
N SER B 65 7.09 -20.84 16.93
CA SER B 65 8.36 -20.11 16.69
C SER B 65 8.06 -18.61 16.59
N ARG B 66 6.98 -18.23 15.91
CA ARG B 66 6.44 -16.82 15.86
C ARG B 66 6.80 -16.10 17.16
N GLU B 67 6.33 -16.67 18.28
CA GLU B 67 6.32 -16.08 19.64
C GLU B 67 7.70 -16.18 20.27
N ILE B 68 8.36 -17.34 20.16
CA ILE B 68 9.78 -17.53 20.56
C ILE B 68 10.60 -16.43 19.86
N GLN B 69 10.36 -16.19 18.56
CA GLN B 69 11.09 -15.13 17.81
C GLN B 69 10.90 -13.81 18.56
N THR B 70 9.64 -13.36 18.68
CA THR B 70 9.33 -12.03 19.27
C THR B 70 9.85 -11.99 20.73
N ALA B 71 9.71 -13.08 21.48
CA ALA B 71 10.24 -13.14 22.86
C ALA B 71 11.73 -12.81 22.86
N VAL B 72 12.47 -13.29 21.85
CA VAL B 72 13.94 -13.08 21.74
C VAL B 72 14.16 -11.59 21.51
N ARG B 73 13.46 -11.05 20.51
CA ARG B 73 13.51 -9.61 20.16
C ARG B 73 13.28 -8.72 21.38
N LEU B 74 12.34 -9.12 22.27
CA LEU B 74 11.87 -8.35 23.46
C LEU B 74 12.89 -8.48 24.58
N VAL B 75 13.33 -9.72 24.85
CA VAL B 75 14.10 -10.10 26.07
C VAL B 75 15.59 -9.77 25.88
N LEU B 76 16.16 -10.01 24.69
CA LEU B 76 17.61 -9.85 24.42
C LEU B 76 17.95 -8.43 23.99
N PRO B 77 19.18 -7.99 24.34
CA PRO B 77 19.83 -6.83 23.70
C PRO B 77 20.04 -6.87 22.17
N GLY B 78 20.19 -5.67 21.60
CA GLY B 78 19.99 -5.35 20.17
C GLY B 78 20.76 -6.28 19.26
N GLU B 79 22.07 -6.42 19.49
CA GLU B 79 23.00 -7.16 18.62
C GLU B 79 22.79 -8.67 18.86
N LEU B 80 22.74 -9.10 20.13
CA LEU B 80 22.62 -10.53 20.51
C LEU B 80 21.38 -11.15 19.88
N ALA B 81 20.25 -10.45 19.97
CA ALA B 81 18.95 -10.86 19.39
C ALA B 81 19.10 -11.12 17.88
N LYS B 82 19.88 -10.30 17.15
CA LYS B 82 19.94 -10.40 15.66
C LYS B 82 20.49 -11.78 15.28
N HIS B 83 21.55 -12.23 15.98
CA HIS B 83 22.24 -13.53 15.74
C HIS B 83 21.34 -14.64 16.28
N ALA B 84 20.98 -14.49 17.55
CA ALA B 84 20.02 -15.33 18.29
C ALA B 84 18.89 -15.73 17.34
N VAL B 85 18.28 -14.78 16.64
CA VAL B 85 17.18 -15.09 15.67
C VAL B 85 17.74 -15.93 14.52
N SER B 86 18.77 -15.42 13.84
CA SER B 86 19.33 -16.05 12.62
C SER B 86 19.59 -17.52 12.93
N GLU B 87 20.32 -17.79 14.02
CA GLU B 87 20.68 -19.17 14.45
C GLU B 87 19.39 -20.00 14.53
N GLY B 88 18.43 -19.54 15.32
CA GLY B 88 17.12 -20.19 15.50
C GLY B 88 16.29 -20.27 14.23
N THR B 89 16.43 -19.35 13.27
CA THR B 89 15.67 -19.51 12.00
C THR B 89 16.29 -20.67 11.23
N LYS B 90 17.63 -20.74 11.13
CA LYS B 90 18.32 -21.89 10.51
C LYS B 90 17.73 -23.18 11.10
N ALA B 91 17.92 -23.37 12.40
CA ALA B 91 17.43 -24.55 13.13
C ALA B 91 16.08 -25.03 12.57
N VAL B 92 15.15 -24.12 12.25
CA VAL B 92 13.75 -24.52 11.91
C VAL B 92 13.63 -24.73 10.38
N THR B 93 14.34 -23.93 9.58
CA THR B 93 14.33 -24.06 8.10
C THR B 93 15.06 -25.35 7.71
N LYS B 94 15.84 -25.91 8.63
CA LYS B 94 16.61 -27.15 8.38
C LYS B 94 15.64 -28.30 8.13
N PHE B 95 15.46 -28.61 6.84
CA PHE B 95 14.60 -29.67 6.26
C PHE B 95 13.13 -29.25 6.23
N THR B 96 12.85 -27.98 6.53
CA THR B 96 11.48 -27.43 6.39
C THR B 96 11.42 -26.78 5.01
N SER B 97 11.52 -27.58 3.96
CA SER B 97 11.49 -27.08 2.55
C SER B 97 11.24 -28.24 1.59
N SER C 1 -24.31 43.77 15.30
CA SER C 1 -25.50 42.86 15.37
C SER C 1 -25.04 41.43 15.11
N ASN C 2 -25.99 40.50 14.98
CA ASN C 2 -25.78 39.15 14.40
C ASN C 2 -24.98 39.27 13.09
N LEU C 3 -25.06 40.41 12.38
CA LEU C 3 -24.35 40.57 11.08
C LEU C 3 -22.84 40.56 11.32
N GLU C 4 -22.37 41.09 12.44
CA GLU C 4 -20.94 41.04 12.83
C GLU C 4 -20.55 39.58 13.14
N GLN C 5 -21.37 38.87 13.93
CA GLN C 5 -21.21 37.43 14.31
C GLN C 5 -20.79 36.60 13.08
N ILE C 6 -21.50 36.72 11.95
CA ILE C 6 -21.37 35.81 10.76
C ILE C 6 -20.15 36.18 9.91
N ASP C 7 -19.80 37.47 9.81
CA ASP C 7 -18.65 37.93 8.98
C ASP C 7 -17.34 37.44 9.61
N ALA C 8 -17.27 37.41 10.94
CA ALA C 8 -16.15 36.84 11.72
C ALA C 8 -16.10 35.32 11.46
N GLU C 9 -17.18 34.61 11.76
CA GLU C 9 -17.25 33.13 11.57
C GLU C 9 -17.03 32.77 10.09
N LEU C 10 -17.14 33.71 9.15
CA LEU C 10 -16.76 33.48 7.74
C LEU C 10 -15.24 33.54 7.60
N VAL C 11 -14.60 34.43 8.38
CA VAL C 11 -13.12 34.54 8.45
C VAL C 11 -12.56 33.25 9.10
N LEU C 12 -13.03 32.93 10.33
CA LEU C 12 -12.71 31.73 11.16
C LEU C 12 -12.86 30.46 10.32
N SER C 13 -14.08 30.15 9.87
CA SER C 13 -14.45 28.95 9.08
C SER C 13 -13.52 28.80 7.87
N ILE C 14 -13.16 29.88 7.18
CA ILE C 14 -12.41 29.76 5.90
C ILE C 14 -10.98 29.29 6.18
N GLU C 15 -10.41 29.64 7.32
CA GLU C 15 -9.05 29.15 7.71
C GLU C 15 -9.21 27.75 8.30
N LYS C 16 -10.19 27.50 9.19
CA LYS C 16 -10.45 26.11 9.66
C LYS C 16 -10.62 25.19 8.46
N LEU C 17 -10.93 25.68 7.27
CA LEU C 17 -10.99 24.82 6.05
C LEU C 17 -9.60 24.71 5.45
N GLN C 18 -8.78 25.76 5.52
CA GLN C 18 -7.36 25.74 5.08
C GLN C 18 -6.51 24.86 6.01
N GLU C 19 -6.87 24.75 7.31
CA GLU C 19 -6.29 23.77 8.26
C GLU C 19 -6.65 22.35 7.79
N ILE C 20 -7.91 21.96 7.96
CA ILE C 20 -8.47 20.66 7.47
C ILE C 20 -7.78 20.23 6.17
N GLN C 21 -7.61 21.11 5.17
CA GLN C 21 -6.93 20.74 3.89
C GLN C 21 -5.41 20.65 4.08
N ASP C 22 -4.82 21.54 4.86
CA ASP C 22 -3.37 21.49 5.17
C ASP C 22 -3.09 20.13 5.85
N ASP C 23 -3.93 19.75 6.82
CA ASP C 23 -3.79 18.54 7.68
C ASP C 23 -4.32 17.27 6.99
N LEU C 24 -5.04 17.36 5.88
CA LEU C 24 -5.42 16.15 5.12
C LEU C 24 -4.25 15.72 4.24
N GLU C 25 -3.42 16.67 3.82
CA GLU C 25 -2.22 16.41 2.99
C GLU C 25 -1.24 15.57 3.82
N LYS C 26 -1.13 15.87 5.13
CA LYS C 26 -0.16 15.20 6.05
C LYS C 26 -0.68 13.81 6.38
N ILE C 27 -1.99 13.64 6.27
CA ILE C 27 -2.68 12.34 6.53
C ILE C 27 -2.51 11.44 5.31
N ASN C 28 -2.51 11.99 4.11
CA ASN C 28 -2.36 11.19 2.88
C ASN C 28 -0.87 10.84 2.74
N GLU C 29 0.06 11.76 3.05
CA GLU C 29 1.51 11.47 3.12
C GLU C 29 1.69 10.21 3.97
N LYS C 30 1.17 10.23 5.21
CA LYS C 30 1.39 9.17 6.24
C LYS C 30 0.78 7.85 5.78
N ALA C 31 -0.35 7.92 5.07
CA ALA C 31 -1.04 6.73 4.50
C ALA C 31 -0.27 6.19 3.30
N SER C 32 0.01 7.01 2.28
CA SER C 32 0.64 6.52 1.02
C SER C 32 2.10 6.14 1.31
N ASP C 33 2.62 6.56 2.47
CA ASP C 33 3.94 6.10 3.02
C ASP C 33 3.86 4.65 3.46
N GLU C 34 2.85 4.27 4.25
CA GLU C 34 2.65 2.86 4.70
C GLU C 34 2.40 1.92 3.52
N VAL C 35 1.90 2.43 2.40
CA VAL C 35 1.69 1.60 1.18
C VAL C 35 3.05 1.25 0.55
N LEU C 36 3.99 2.20 0.55
CA LEU C 36 5.38 1.99 0.04
C LEU C 36 6.16 1.07 0.99
N GLU C 37 5.90 1.16 2.29
CA GLU C 37 6.37 0.19 3.32
C GLU C 37 5.86 -1.21 2.95
N VAL C 38 4.59 -1.35 2.56
CA VAL C 38 4.02 -2.65 2.09
C VAL C 38 4.82 -3.11 0.87
N GLU C 39 4.91 -2.26 -0.17
CA GLU C 39 5.63 -2.54 -1.46
C GLU C 39 7.10 -2.89 -1.16
N GLN C 40 7.73 -2.27 -0.17
CA GLN C 40 9.13 -2.60 0.24
C GLN C 40 9.18 -4.01 0.82
N LYS C 41 8.44 -4.26 1.91
CA LYS C 41 8.35 -5.58 2.58
C LYS C 41 8.30 -6.71 1.54
N TYR C 42 7.64 -6.47 0.39
CA TYR C 42 7.28 -7.53 -0.58
C TYR C 42 8.38 -7.65 -1.63
N ASN C 43 8.91 -6.55 -2.17
CA ASN C 43 10.09 -6.68 -3.06
C ASN C 43 11.13 -7.56 -2.37
N VAL C 44 11.18 -7.50 -1.05
CA VAL C 44 12.15 -8.26 -0.21
C VAL C 44 11.72 -9.74 -0.13
N ILE C 45 10.43 -10.04 -0.08
CA ILE C 45 9.95 -11.46 -0.06
C ILE C 45 10.20 -12.11 -1.41
N ARG C 46 9.98 -11.33 -2.49
CA ARG C 46 9.95 -11.76 -3.93
C ARG C 46 11.37 -11.85 -4.51
N LYS C 47 12.34 -11.05 -4.06
CA LYS C 47 13.75 -11.14 -4.54
C LYS C 47 14.25 -12.59 -4.46
N PRO C 48 14.18 -13.31 -3.32
CA PRO C 48 14.50 -14.75 -3.33
C PRO C 48 13.72 -15.69 -4.28
N VAL C 49 12.48 -15.35 -4.65
CA VAL C 49 11.62 -16.17 -5.58
C VAL C 49 12.00 -15.79 -7.01
N TYR C 50 12.13 -14.49 -7.30
CA TYR C 50 12.52 -13.93 -8.62
C TYR C 50 13.92 -14.42 -8.99
N ASP C 51 14.77 -14.67 -7.97
CA ASP C 51 16.09 -15.34 -8.07
C ASP C 51 15.91 -16.82 -8.42
N LYS C 52 15.31 -17.64 -7.55
CA LYS C 52 15.25 -19.11 -7.81
C LYS C 52 14.51 -19.38 -9.13
N ARG C 53 13.81 -18.39 -9.69
CA ARG C 53 13.26 -18.46 -11.08
C ARG C 53 14.40 -18.32 -12.10
N ASN C 54 15.22 -17.27 -11.98
CA ASN C 54 16.48 -17.16 -12.77
C ASN C 54 17.10 -18.55 -12.86
N GLU C 55 17.48 -19.12 -11.71
CA GLU C 55 18.11 -20.46 -11.58
C GLU C 55 17.37 -21.47 -12.47
N VAL C 56 16.05 -21.58 -12.32
CA VAL C 56 15.23 -22.60 -13.00
C VAL C 56 15.31 -22.33 -14.52
N ILE C 57 15.27 -21.07 -14.95
CA ILE C 57 15.19 -20.74 -16.41
C ILE C 57 16.54 -21.08 -17.08
N GLN C 58 17.63 -21.17 -16.31
CA GLN C 58 18.96 -21.55 -16.87
C GLN C 58 18.94 -23.00 -17.36
N SER C 59 17.98 -23.80 -16.87
CA SER C 59 17.78 -25.23 -17.26
C SER C 59 16.70 -25.33 -18.34
N ILE C 60 16.27 -24.20 -18.91
CA ILE C 60 15.44 -24.17 -20.16
C ILE C 60 16.17 -23.28 -21.17
N PRO C 61 16.77 -23.88 -22.22
CA PRO C 61 17.49 -23.10 -23.24
C PRO C 61 16.54 -22.25 -24.10
N GLY C 62 16.74 -20.93 -24.06
CA GLY C 62 16.08 -19.97 -24.96
C GLY C 62 14.66 -19.69 -24.52
N PHE C 63 14.40 -19.83 -23.21
CA PHE C 63 13.10 -19.55 -22.57
C PHE C 63 12.71 -18.11 -22.93
N TRP C 64 13.40 -17.12 -22.36
CA TRP C 64 13.02 -15.69 -22.47
C TRP C 64 12.87 -15.30 -23.93
N MET C 65 13.80 -15.74 -24.78
CA MET C 65 13.73 -15.55 -26.26
C MET C 65 12.29 -15.78 -26.72
N THR C 66 11.82 -17.03 -26.59
CA THR C 66 10.50 -17.54 -27.07
C THR C 66 9.35 -16.81 -26.36
N ALA C 67 9.55 -16.47 -25.08
CA ALA C 67 8.57 -15.71 -24.27
C ALA C 67 8.39 -14.32 -24.87
N PHE C 68 9.51 -13.58 -24.95
CA PHE C 68 9.60 -12.25 -25.60
C PHE C 68 8.81 -12.30 -26.91
N LEU C 69 9.14 -13.29 -27.76
CA LEU C 69 8.55 -13.43 -29.11
C LEU C 69 7.05 -13.72 -28.98
N SER C 70 6.67 -14.60 -28.05
CA SER C 70 5.27 -15.09 -27.86
C SER C 70 4.36 -13.97 -27.35
N HIS C 71 4.88 -12.92 -26.71
CA HIS C 71 4.09 -11.72 -26.32
C HIS C 71 3.58 -11.06 -27.60
N PRO C 72 2.29 -10.67 -27.70
CA PRO C 72 1.79 -9.92 -28.86
C PRO C 72 2.52 -8.58 -29.10
N ALA C 73 2.71 -7.77 -28.05
CA ALA C 73 3.24 -6.38 -28.09
C ALA C 73 4.78 -6.35 -28.15
N LEU C 74 5.48 -7.15 -27.34
CA LEU C 74 6.97 -7.21 -27.35
C LEU C 74 7.45 -8.08 -28.53
N GLY C 75 6.56 -8.91 -29.09
CA GLY C 75 6.88 -9.91 -30.11
C GLY C 75 7.30 -9.30 -31.44
N ASP C 76 6.50 -8.35 -31.95
CA ASP C 76 6.70 -7.69 -33.27
C ASP C 76 7.26 -6.27 -33.05
N LEU C 77 8.40 -6.18 -32.35
CA LEU C 77 9.26 -4.96 -32.32
C LEU C 77 10.63 -5.30 -32.93
N LEU C 78 10.93 -6.59 -33.08
CA LEU C 78 12.20 -7.04 -33.69
C LEU C 78 12.04 -7.13 -35.22
N THR C 79 13.15 -7.65 -35.76
CA THR C 79 13.54 -7.98 -37.16
C THR C 79 14.62 -9.06 -37.08
N GLU C 80 15.19 -9.45 -38.22
CA GLU C 80 16.13 -10.59 -38.38
C GLU C 80 17.40 -10.44 -37.52
N GLU C 81 18.17 -9.33 -37.62
CA GLU C 81 19.47 -9.27 -36.89
C GLU C 81 19.17 -9.44 -35.40
N ASP C 82 18.19 -8.70 -34.88
CA ASP C 82 17.80 -8.78 -33.45
C ASP C 82 17.67 -10.27 -33.08
N GLN C 83 16.93 -11.04 -33.88
CA GLN C 83 16.61 -12.45 -33.55
C GLN C 83 17.90 -13.29 -33.47
N LYS C 84 18.90 -13.06 -34.32
CA LYS C 84 20.16 -13.86 -34.26
C LYS C 84 20.88 -13.62 -32.93
N ILE C 85 21.03 -12.34 -32.56
CA ILE C 85 21.58 -11.87 -31.24
C ILE C 85 20.79 -12.56 -30.11
N PHE C 86 19.47 -12.66 -30.27
CA PHE C 86 18.51 -13.19 -29.27
C PHE C 86 18.76 -14.68 -28.99
N LYS C 87 19.49 -15.40 -29.86
CA LYS C 87 19.93 -16.80 -29.58
C LYS C 87 20.76 -16.81 -28.28
N TYR C 88 21.50 -15.73 -28.04
CA TYR C 88 22.47 -15.59 -26.92
C TYR C 88 21.84 -14.83 -25.74
N LEU C 89 20.50 -14.76 -25.65
CA LEU C 89 19.74 -13.92 -24.68
C LEU C 89 19.33 -14.78 -23.47
N ASN C 90 20.29 -15.15 -22.61
CA ASN C 90 20.13 -16.30 -21.68
C ASN C 90 19.58 -15.87 -20.31
N SER C 91 19.18 -14.59 -20.13
CA SER C 91 18.53 -14.09 -18.88
C SER C 91 17.87 -12.73 -19.07
N LEU C 92 16.95 -12.40 -18.16
CA LEU C 92 16.32 -11.07 -17.96
C LEU C 92 16.31 -10.76 -16.47
N GLU C 93 16.20 -9.48 -16.13
CA GLU C 93 16.19 -9.03 -14.71
C GLU C 93 15.53 -7.65 -14.68
N VAL C 94 14.52 -7.52 -13.84
CA VAL C 94 13.77 -6.24 -13.62
C VAL C 94 13.65 -6.07 -12.11
N GLU C 95 14.64 -5.44 -11.46
CA GLU C 95 14.57 -5.20 -10.01
C GLU C 95 14.32 -3.71 -9.78
N ASP C 96 13.49 -3.41 -8.76
CA ASP C 96 13.13 -2.04 -8.31
C ASP C 96 14.25 -1.49 -7.44
N ALA C 97 14.21 -0.17 -7.24
CA ALA C 97 15.11 0.56 -6.33
C ALA C 97 14.80 0.11 -4.91
N LYS C 98 15.79 0.14 -4.02
CA LYS C 98 15.58 -0.43 -2.67
C LYS C 98 14.46 0.32 -1.92
N ASP C 99 14.27 1.60 -2.23
CA ASP C 99 13.05 2.36 -1.86
C ASP C 99 12.23 2.31 -3.12
N VAL C 100 11.04 1.75 -3.06
CA VAL C 100 10.34 1.41 -4.33
C VAL C 100 10.13 2.64 -5.22
N LYS C 101 9.90 3.80 -4.62
CA LYS C 101 9.50 5.03 -5.36
C LYS C 101 10.57 5.47 -6.36
N SER C 102 11.86 5.34 -6.03
CA SER C 102 12.96 5.89 -6.85
C SER C 102 12.94 5.38 -8.28
N GLY C 103 12.90 4.06 -8.47
CA GLY C 103 12.93 3.50 -9.84
C GLY C 103 13.18 2.02 -9.90
N TYR C 104 13.67 1.57 -11.06
CA TYR C 104 13.89 0.15 -11.42
C TYR C 104 14.84 0.06 -12.63
N SER C 105 15.71 -0.95 -12.65
CA SER C 105 16.53 -1.31 -13.85
C SER C 105 15.84 -2.39 -14.70
N ILE C 106 16.29 -2.59 -15.94
CA ILE C 106 15.80 -3.66 -16.86
C ILE C 106 17.01 -4.18 -17.64
N THR C 107 17.72 -5.16 -17.07
CA THR C 107 19.02 -5.67 -17.56
C THR C 107 18.89 -6.95 -18.39
N PHE C 108 19.16 -6.86 -19.70
CA PHE C 108 19.18 -8.00 -20.66
C PHE C 108 20.55 -8.70 -20.59
N HIS C 109 20.71 -9.67 -19.67
CA HIS C 109 21.97 -10.47 -19.51
C HIS C 109 22.21 -11.29 -20.78
N PHE C 110 23.46 -11.66 -21.06
CA PHE C 110 23.90 -12.26 -22.36
C PHE C 110 25.05 -13.27 -22.16
N THR C 111 25.36 -13.96 -23.27
CA THR C 111 26.42 -15.00 -23.44
C THR C 111 27.28 -14.70 -24.67
N SER C 112 28.45 -15.34 -24.76
CA SER C 112 29.46 -15.23 -25.86
C SER C 112 28.79 -15.10 -27.23
N ASN C 113 29.35 -14.26 -28.12
CA ASN C 113 28.94 -14.14 -29.56
C ASN C 113 29.79 -13.10 -30.28
N PRO C 114 30.17 -13.32 -31.56
CA PRO C 114 30.79 -12.25 -32.36
C PRO C 114 29.81 -11.15 -32.82
N PHE C 115 29.08 -10.50 -31.89
CA PHE C 115 28.03 -9.48 -32.19
C PHE C 115 27.96 -8.34 -31.16
N PHE C 116 28.52 -8.49 -29.95
CA PHE C 116 29.03 -7.35 -29.13
C PHE C 116 29.68 -7.84 -27.82
N GLU C 117 30.33 -6.89 -27.14
CA GLU C 117 31.30 -7.09 -26.03
C GLU C 117 30.55 -7.44 -24.75
N ASP C 118 29.63 -6.58 -24.34
CA ASP C 118 29.03 -6.48 -22.98
C ASP C 118 28.24 -7.76 -22.63
N ALA C 119 28.27 -8.16 -21.36
CA ALA C 119 27.53 -9.33 -20.81
C ALA C 119 26.21 -8.89 -20.15
N LYS C 120 25.80 -7.62 -20.28
CA LYS C 120 24.49 -7.09 -19.83
C LYS C 120 24.21 -5.69 -20.43
N LEU C 121 23.05 -5.51 -21.07
CA LEU C 121 22.52 -4.19 -21.56
C LEU C 121 21.52 -3.63 -20.55
N THR C 122 22.00 -3.01 -19.46
CA THR C 122 21.17 -2.38 -18.40
C THR C 122 20.40 -1.18 -19.00
N LYS C 123 19.27 -0.81 -18.39
CA LYS C 123 18.54 0.47 -18.64
C LYS C 123 17.72 0.82 -17.40
N THR C 124 18.19 1.78 -16.60
CA THR C 124 17.56 2.22 -15.32
C THR C 124 16.76 3.51 -15.56
N PHE C 125 15.76 3.75 -14.70
CA PHE C 125 14.86 4.93 -14.68
C PHE C 125 14.87 5.52 -13.27
N THR C 126 15.46 6.71 -13.07
CA THR C 126 15.68 7.28 -11.70
C THR C 126 14.73 8.46 -11.48
N PHE C 127 13.97 8.44 -10.38
CA PHE C 127 13.10 9.56 -9.89
C PHE C 127 13.51 9.90 -8.44
N GLY C 131 12.29 14.47 -6.45
CA GLY C 131 11.77 13.41 -7.33
C GLY C 131 11.39 13.95 -8.70
N THR C 132 12.07 13.47 -9.76
CA THR C 132 11.78 13.74 -11.20
C THR C 132 12.41 12.65 -12.08
N THR C 133 11.97 12.57 -13.34
CA THR C 133 12.05 11.38 -14.25
C THR C 133 13.24 11.51 -15.22
N LYS C 134 14.09 10.48 -15.33
CA LYS C 134 15.33 10.53 -16.18
C LYS C 134 15.88 9.13 -16.51
N ILE C 135 16.02 8.83 -17.81
CA ILE C 135 16.48 7.52 -18.38
C ILE C 135 18.01 7.51 -18.48
N THR C 136 18.59 6.32 -18.27
CA THR C 136 20.04 6.00 -18.36
C THR C 136 20.14 4.59 -18.95
N ALA C 137 21.16 4.31 -19.79
CA ALA C 137 21.30 3.04 -20.54
C ALA C 137 22.77 2.60 -20.64
N THR C 138 23.00 1.37 -21.09
CA THR C 138 24.34 0.76 -21.41
C THR C 138 24.62 1.00 -22.89
N PRO C 139 25.85 1.43 -23.26
CA PRO C 139 26.21 1.63 -24.67
C PRO C 139 26.38 0.34 -25.48
N ILE C 140 25.67 0.23 -26.62
CA ILE C 140 25.57 -1.00 -27.46
C ILE C 140 26.91 -1.22 -28.18
N LYS C 141 27.89 -1.81 -27.50
CA LYS C 141 29.31 -1.82 -27.97
C LYS C 141 29.46 -2.83 -29.10
N TRP C 142 28.83 -2.51 -30.22
CA TRP C 142 28.84 -3.36 -31.43
C TRP C 142 30.27 -3.86 -31.64
N LYS C 143 30.43 -5.12 -32.02
CA LYS C 143 31.78 -5.72 -32.16
C LYS C 143 32.46 -5.17 -33.41
N GLU C 144 33.75 -5.52 -33.58
CA GLU C 144 34.69 -4.86 -34.54
C GLU C 144 34.12 -4.79 -35.96
N GLY C 145 33.52 -5.87 -36.48
CA GLY C 145 32.77 -5.73 -37.74
C GLY C 145 31.48 -4.97 -37.45
N LYS C 146 31.36 -3.73 -37.89
CA LYS C 146 30.28 -2.80 -37.46
C LYS C 146 28.89 -3.31 -37.89
N GLY C 147 27.93 -3.13 -36.99
CA GLY C 147 26.50 -3.47 -37.20
C GLY C 147 25.63 -2.34 -36.62
N SER C 168 15.54 -0.28 -34.53
CA SER C 168 15.69 -1.60 -33.87
C SER C 168 15.15 -1.56 -32.44
N PHE C 169 15.31 -2.66 -31.72
CA PHE C 169 15.03 -2.76 -30.26
C PHE C 169 16.19 -2.13 -29.46
N PHE C 170 17.39 -2.03 -30.06
CA PHE C 170 18.62 -1.56 -29.37
C PHE C 170 18.75 -0.03 -29.50
N THR C 171 17.83 0.60 -30.25
CA THR C 171 17.60 2.08 -30.27
C THR C 171 17.06 2.52 -28.90
N TRP C 172 16.38 1.58 -28.23
CA TRP C 172 15.71 1.73 -26.92
C TRP C 172 16.72 2.10 -25.83
N PHE C 173 18.02 1.84 -26.02
CA PHE C 173 19.09 2.09 -25.01
C PHE C 173 19.71 3.49 -25.20
N THR C 174 18.92 4.50 -25.60
CA THR C 174 19.28 5.94 -25.52
C THR C 174 19.46 6.29 -24.03
N ASP C 175 19.96 7.49 -23.72
CA ASP C 175 19.91 8.08 -22.36
C ASP C 175 18.87 9.22 -22.34
N ALA C 176 17.68 8.95 -22.89
CA ALA C 176 16.54 9.91 -23.02
C ALA C 176 15.93 10.17 -21.63
N HIS C 187 5.57 7.45 -20.23
CA HIS C 187 6.00 7.89 -21.58
C HIS C 187 7.05 6.91 -22.14
N ASP C 188 6.83 5.60 -21.94
CA ASP C 188 7.71 4.49 -22.41
C ASP C 188 6.94 3.16 -22.30
N GLU C 189 6.33 2.71 -23.41
CA GLU C 189 5.41 1.53 -23.45
C GLU C 189 6.21 0.22 -23.39
N VAL C 190 7.53 0.27 -23.61
CA VAL C 190 8.38 -0.95 -23.68
C VAL C 190 8.54 -1.53 -22.26
N ALA C 191 8.87 -0.67 -21.29
CA ALA C 191 9.11 -1.04 -19.87
C ALA C 191 7.78 -1.40 -19.19
N ASP C 192 6.72 -0.61 -19.44
CA ASP C 192 5.35 -0.82 -18.88
C ASP C 192 4.73 -2.12 -19.40
N ILE C 193 5.47 -2.90 -20.19
CA ILE C 193 5.07 -4.28 -20.62
C ILE C 193 6.09 -5.29 -20.08
N ILE C 194 7.38 -4.94 -20.01
CA ILE C 194 8.42 -5.85 -19.43
C ILE C 194 8.17 -6.01 -17.93
N LYS C 195 7.96 -4.92 -17.18
CA LYS C 195 7.87 -4.96 -15.69
C LYS C 195 6.47 -5.38 -15.25
N GLU C 196 5.44 -5.12 -16.05
CA GLU C 196 4.01 -5.26 -15.64
C GLU C 196 3.34 -6.49 -16.27
N ASP C 197 3.89 -7.07 -17.35
CA ASP C 197 3.44 -8.38 -17.90
C ASP C 197 4.57 -9.40 -17.91
N LEU C 198 5.52 -9.27 -18.85
CA LEU C 198 6.46 -10.36 -19.18
C LEU C 198 7.22 -10.77 -17.91
N TRP C 199 7.97 -9.86 -17.28
CA TRP C 199 8.83 -10.22 -16.13
C TRP C 199 7.94 -10.75 -15.00
N SER C 200 6.71 -10.26 -14.92
CA SER C 200 5.76 -10.65 -13.85
C SER C 200 5.55 -12.16 -13.91
N ASN C 201 5.24 -12.67 -15.11
CA ASN C 201 4.83 -14.07 -15.40
C ASN C 201 5.05 -14.39 -16.88
N PRO C 202 6.28 -14.75 -17.28
CA PRO C 202 6.64 -14.93 -18.69
C PRO C 202 6.18 -16.28 -19.25
N LEU C 203 6.03 -17.25 -18.34
CA LEU C 203 5.66 -18.65 -18.62
C LEU C 203 4.30 -18.75 -19.33
N THR C 204 3.38 -17.82 -19.05
CA THR C 204 2.02 -17.76 -19.67
C THR C 204 2.19 -17.56 -21.19
N TYR C 205 3.03 -16.59 -21.58
CA TYR C 205 3.30 -16.23 -23.00
C TYR C 205 3.95 -17.42 -23.72
N PHE C 206 5.11 -17.86 -23.22
CA PHE C 206 5.84 -19.10 -23.63
C PHE C 206 4.88 -20.25 -24.02
N ASN C 207 3.64 -20.28 -23.49
CA ASN C 207 2.63 -21.35 -23.80
C ASN C 207 1.38 -20.71 -24.43
N GLU D 4 18.40 -39.88 -22.33
CA GLU D 4 17.21 -38.97 -22.16
C GLU D 4 17.12 -38.53 -20.69
N GLN D 5 18.26 -38.08 -20.14
CA GLN D 5 18.45 -37.56 -18.76
C GLN D 5 17.88 -36.14 -18.66
N ILE D 6 17.83 -35.37 -19.77
CA ILE D 6 17.23 -34.00 -19.83
C ILE D 6 16.17 -33.92 -20.95
N ASP D 7 15.35 -34.96 -21.17
CA ASP D 7 13.98 -34.80 -21.74
C ASP D 7 13.03 -34.64 -20.56
N ALA D 8 13.08 -35.58 -19.62
CA ALA D 8 12.31 -35.55 -18.36
C ALA D 8 12.68 -34.27 -17.60
N GLU D 9 13.98 -34.07 -17.34
CA GLU D 9 14.50 -32.97 -16.48
C GLU D 9 14.18 -31.59 -17.09
N LEU D 10 13.61 -31.55 -18.30
CA LEU D 10 13.22 -30.31 -19.02
C LEU D 10 11.74 -30.00 -18.74
N VAL D 11 10.96 -31.03 -18.39
CA VAL D 11 9.57 -30.85 -17.91
C VAL D 11 9.61 -30.51 -16.41
N LEU D 12 10.33 -31.29 -15.60
CA LEU D 12 10.60 -30.97 -14.17
C LEU D 12 10.89 -29.48 -14.00
N SER D 13 11.78 -28.97 -14.86
CA SER D 13 12.16 -27.54 -14.92
C SER D 13 10.96 -26.67 -15.29
N ILE D 14 10.17 -27.05 -16.31
CA ILE D 14 9.00 -26.20 -16.72
C ILE D 14 7.90 -26.25 -15.63
N GLU D 15 7.72 -27.34 -14.88
CA GLU D 15 6.66 -27.35 -13.81
C GLU D 15 7.22 -26.63 -12.57
N LYS D 16 8.46 -26.88 -12.12
CA LYS D 16 9.11 -26.04 -11.06
C LYS D 16 8.82 -24.56 -11.33
N LEU D 17 8.94 -24.16 -12.59
CA LEU D 17 8.72 -22.76 -13.04
C LEU D 17 7.24 -22.41 -12.82
N GLN D 18 6.35 -23.37 -13.06
CA GLN D 18 4.88 -23.24 -12.83
C GLN D 18 4.60 -23.12 -11.32
N GLU D 19 5.27 -23.91 -10.48
CA GLU D 19 5.23 -23.75 -8.99
C GLU D 19 5.51 -22.28 -8.70
N ILE D 20 6.57 -21.74 -9.27
CA ILE D 20 7.05 -20.39 -8.87
C ILE D 20 6.04 -19.32 -9.32
N GLN D 21 5.38 -19.46 -10.46
CA GLN D 21 4.36 -18.45 -10.88
C GLN D 21 3.07 -18.68 -10.10
N ASP D 22 2.87 -19.91 -9.63
CA ASP D 22 1.76 -20.33 -8.72
C ASP D 22 1.89 -19.51 -7.43
N ASP D 23 3.08 -19.49 -6.81
CA ASP D 23 3.30 -18.95 -5.44
C ASP D 23 3.48 -17.42 -5.50
N LEU D 24 3.96 -16.88 -6.62
CA LEU D 24 4.04 -15.41 -6.84
C LEU D 24 2.63 -14.84 -6.82
N GLU D 25 1.67 -15.58 -7.37
CA GLU D 25 0.26 -15.13 -7.48
C GLU D 25 -0.33 -15.11 -6.07
N LYS D 26 0.23 -15.92 -5.16
CA LYS D 26 -0.19 -15.98 -3.74
C LYS D 26 0.42 -14.81 -2.97
N ILE D 27 1.70 -14.53 -3.24
CA ILE D 27 2.51 -13.51 -2.51
C ILE D 27 2.07 -12.12 -2.97
N ASN D 28 1.66 -11.97 -4.22
CA ASN D 28 1.15 -10.69 -4.78
C ASN D 28 -0.27 -10.45 -4.27
N GLU D 29 -0.95 -11.52 -3.86
CA GLU D 29 -2.35 -11.45 -3.31
C GLU D 29 -2.29 -11.02 -1.84
N LYS D 30 -1.40 -11.61 -1.04
CA LYS D 30 -1.11 -11.11 0.34
C LYS D 30 -0.71 -9.63 0.25
N ALA D 31 0.41 -9.33 -0.42
CA ALA D 31 0.90 -7.96 -0.69
C ALA D 31 -0.28 -7.04 -1.03
N SER D 32 -0.98 -7.24 -2.15
CA SER D 32 -2.01 -6.28 -2.62
C SER D 32 -3.27 -6.39 -1.74
N ASP D 33 -3.35 -7.37 -0.83
CA ASP D 33 -4.37 -7.42 0.25
C ASP D 33 -3.94 -6.52 1.42
N GLU D 34 -2.67 -6.56 1.84
CA GLU D 34 -2.13 -5.67 2.89
C GLU D 34 -2.23 -4.22 2.42
N VAL D 35 -2.10 -4.02 1.10
CA VAL D 35 -2.22 -2.67 0.48
C VAL D 35 -3.61 -2.14 0.75
N LEU D 36 -4.64 -3.00 0.63
CA LEU D 36 -6.07 -2.59 0.72
C LEU D 36 -6.57 -2.56 2.18
N GLU D 37 -5.85 -3.21 3.10
CA GLU D 37 -6.05 -3.04 4.57
C GLU D 37 -5.64 -1.60 4.93
N VAL D 38 -4.66 -1.02 4.22
CA VAL D 38 -4.14 0.34 4.53
C VAL D 38 -5.11 1.38 3.99
N GLU D 39 -5.72 1.12 2.84
CA GLU D 39 -6.69 2.03 2.19
C GLU D 39 -7.84 2.19 3.18
N GLN D 40 -8.37 1.07 3.69
CA GLN D 40 -9.55 0.97 4.61
C GLN D 40 -9.25 1.66 5.96
N LYS D 41 -8.11 1.37 6.57
CA LYS D 41 -7.61 2.07 7.78
C LYS D 41 -7.80 3.59 7.64
N TYR D 42 -7.46 4.16 6.49
CA TYR D 42 -7.33 5.62 6.31
C TYR D 42 -8.69 6.26 6.00
N ASN D 43 -9.58 5.49 5.36
CA ASN D 43 -10.96 5.96 5.04
C ASN D 43 -11.67 6.24 6.36
N VAL D 44 -11.43 5.38 7.34
CA VAL D 44 -11.93 5.55 8.73
C VAL D 44 -11.35 6.85 9.28
N ILE D 45 -10.03 7.00 9.23
CA ILE D 45 -9.32 8.19 9.79
C ILE D 45 -9.83 9.46 9.10
N ARG D 46 -10.04 9.41 7.78
CA ARG D 46 -10.48 10.55 6.95
C ARG D 46 -11.95 10.91 7.23
N LYS D 47 -12.81 9.93 7.48
CA LYS D 47 -14.26 10.20 7.56
C LYS D 47 -14.55 11.36 8.52
N PRO D 48 -14.15 11.33 9.82
CA PRO D 48 -14.58 12.35 10.76
C PRO D 48 -14.03 13.74 10.38
N VAL D 49 -12.88 13.78 9.70
CA VAL D 49 -12.28 15.04 9.16
C VAL D 49 -13.11 15.53 7.95
N TYR D 50 -13.38 14.68 6.96
CA TYR D 50 -14.31 14.98 5.84
C TYR D 50 -15.65 15.47 6.39
N ASP D 51 -16.09 14.90 7.52
CA ASP D 51 -17.37 15.25 8.18
C ASP D 51 -17.20 16.61 8.87
N LYS D 52 -16.08 16.86 9.56
CA LYS D 52 -15.85 18.20 10.19
C LYS D 52 -15.56 19.27 9.12
N ARG D 53 -15.29 18.88 7.87
CA ARG D 53 -15.12 19.82 6.73
C ARG D 53 -16.50 20.25 6.21
N ASN D 54 -17.35 19.25 5.90
CA ASN D 54 -18.73 19.44 5.39
C ASN D 54 -19.47 20.45 6.26
N GLU D 55 -19.31 20.33 7.59
CA GLU D 55 -19.99 21.14 8.64
C GLU D 55 -19.41 22.56 8.67
N VAL D 56 -18.08 22.70 8.65
CA VAL D 56 -17.40 24.03 8.60
C VAL D 56 -17.72 24.70 7.25
N ILE D 57 -17.96 23.93 6.18
CA ILE D 57 -18.29 24.52 4.83
C ILE D 57 -19.67 25.19 4.88
N GLN D 58 -20.58 24.73 5.75
CA GLN D 58 -21.98 25.25 5.87
C GLN D 58 -21.96 26.72 6.32
N SER D 59 -20.85 27.22 6.86
CA SER D 59 -20.71 28.65 7.27
C SER D 59 -19.88 29.42 6.23
N ILE D 60 -19.74 28.91 4.99
CA ILE D 60 -19.09 29.62 3.86
C ILE D 60 -20.09 29.70 2.72
N PRO D 61 -20.58 30.88 2.33
CA PRO D 61 -21.71 30.89 1.43
C PRO D 61 -21.69 30.23 0.05
N GLY D 62 -20.76 30.54 -0.83
CA GLY D 62 -20.96 29.91 -2.14
C GLY D 62 -20.02 28.77 -2.37
N PHE D 63 -19.53 28.15 -1.30
CA PHE D 63 -18.38 27.24 -1.49
C PHE D 63 -18.59 26.09 -2.48
N TRP D 64 -19.64 25.29 -2.36
CA TRP D 64 -19.66 24.14 -3.31
C TRP D 64 -19.84 24.58 -4.76
N MET D 65 -20.70 25.56 -4.99
CA MET D 65 -20.92 26.07 -6.36
C MET D 65 -19.65 26.73 -6.89
N THR D 66 -19.04 27.59 -6.08
CA THR D 66 -17.88 28.40 -6.51
C THR D 66 -16.74 27.47 -6.88
N ALA D 67 -16.61 26.43 -6.08
CA ALA D 67 -15.53 25.43 -6.25
C ALA D 67 -15.74 24.69 -7.56
N PHE D 68 -16.88 24.02 -7.68
CA PHE D 68 -17.30 23.25 -8.88
C PHE D 68 -16.95 24.05 -10.15
N LEU D 69 -17.49 25.27 -10.24
CA LEU D 69 -17.34 26.17 -11.41
C LEU D 69 -15.84 26.42 -11.63
N SER D 70 -15.15 26.99 -10.65
CA SER D 70 -13.73 27.41 -10.74
C SER D 70 -12.88 26.32 -11.42
N HIS D 71 -13.24 25.05 -11.25
CA HIS D 71 -12.52 23.88 -11.84
C HIS D 71 -12.34 24.06 -13.33
N PRO D 72 -11.10 23.91 -13.86
CA PRO D 72 -10.86 23.90 -15.30
C PRO D 72 -11.83 23.02 -16.11
N ALA D 73 -11.87 21.72 -15.78
CA ALA D 73 -12.78 20.73 -16.41
C ALA D 73 -14.24 21.09 -16.09
N LEU D 74 -14.70 20.79 -14.86
CA LEU D 74 -16.15 20.72 -14.49
C LEU D 74 -16.91 22.02 -14.77
N GLY D 75 -16.24 23.17 -14.82
CA GLY D 75 -16.91 24.49 -14.90
C GLY D 75 -17.80 24.64 -16.12
N ASP D 76 -17.28 24.40 -17.33
CA ASP D 76 -17.95 24.80 -18.60
C ASP D 76 -19.28 24.04 -18.78
N LEU D 77 -19.39 22.80 -18.29
CA LEU D 77 -20.57 21.93 -18.57
C LEU D 77 -21.84 22.54 -17.96
N LEU D 78 -21.75 23.10 -16.75
CA LEU D 78 -22.94 23.68 -16.09
C LEU D 78 -23.45 24.87 -16.91
N THR D 79 -24.71 24.83 -17.33
CA THR D 79 -25.36 25.95 -18.06
C THR D 79 -26.07 26.83 -17.03
N GLU D 80 -26.62 27.98 -17.44
CA GLU D 80 -27.18 28.98 -16.48
C GLU D 80 -28.35 28.38 -15.69
N GLU D 81 -29.23 27.61 -16.32
CA GLU D 81 -30.40 27.02 -15.60
C GLU D 81 -29.87 26.16 -14.45
N ASP D 82 -28.92 25.26 -14.74
CA ASP D 82 -28.32 24.38 -13.69
C ASP D 82 -27.75 25.28 -12.59
N GLN D 83 -27.01 26.33 -12.98
CA GLN D 83 -26.26 27.19 -12.04
C GLN D 83 -27.17 27.77 -10.95
N LYS D 84 -28.40 28.21 -11.26
CA LYS D 84 -29.28 28.75 -10.19
C LYS D 84 -29.53 27.64 -9.16
N ILE D 85 -30.13 26.53 -9.60
CA ILE D 85 -30.36 25.30 -8.78
C ILE D 85 -29.08 25.04 -7.96
N PHE D 86 -27.92 25.18 -8.60
CA PHE D 86 -26.56 24.98 -8.01
C PHE D 86 -26.25 26.01 -6.92
N LYS D 87 -26.96 27.13 -6.87
CA LYS D 87 -26.83 28.17 -5.80
C LYS D 87 -27.39 27.65 -4.47
N TYR D 88 -28.20 26.58 -4.54
CA TYR D 88 -28.80 25.86 -3.39
C TYR D 88 -28.00 24.60 -3.06
N LEU D 89 -26.88 24.38 -3.77
CA LEU D 89 -26.03 23.16 -3.66
C LEU D 89 -25.22 23.21 -2.38
N ASN D 90 -25.85 23.06 -1.22
CA ASN D 90 -25.17 23.34 0.07
C ASN D 90 -24.00 22.38 0.31
N SER D 91 -24.05 21.12 -0.16
CA SER D 91 -22.95 20.14 0.07
C SER D 91 -22.74 19.20 -1.12
N LEU D 92 -21.55 18.62 -1.20
CA LEU D 92 -21.20 17.46 -2.06
C LEU D 92 -20.62 16.38 -1.15
N GLU D 93 -20.89 15.10 -1.43
CA GLU D 93 -20.51 14.00 -0.51
C GLU D 93 -20.06 12.81 -1.35
N VAL D 94 -18.74 12.63 -1.46
CA VAL D 94 -18.09 11.37 -1.91
C VAL D 94 -17.85 10.52 -0.65
N GLU D 95 -17.97 9.20 -0.79
CA GLU D 95 -17.59 8.23 0.27
C GLU D 95 -17.44 6.83 -0.37
N ASP D 96 -16.21 6.29 -0.32
CA ASP D 96 -15.94 4.85 -0.62
C ASP D 96 -16.78 4.06 0.38
N ALA D 97 -17.60 3.11 -0.09
CA ALA D 97 -18.38 2.19 0.78
C ALA D 97 -17.37 1.37 1.61
N LYS D 98 -17.81 0.78 2.72
CA LYS D 98 -16.92 0.30 3.82
C LYS D 98 -15.88 -0.74 3.34
N ASP D 99 -16.31 -1.70 2.51
CA ASP D 99 -15.40 -2.66 1.83
C ASP D 99 -14.79 -1.91 0.63
N VAL D 100 -13.73 -1.17 0.89
CA VAL D 100 -13.30 -0.07 -0.03
C VAL D 100 -13.21 -0.56 -1.48
N LYS D 101 -12.76 -1.79 -1.69
CA LYS D 101 -12.46 -2.29 -3.05
C LYS D 101 -13.71 -2.29 -3.94
N SER D 102 -14.88 -2.54 -3.35
CA SER D 102 -16.15 -2.74 -4.12
C SER D 102 -16.57 -1.49 -4.90
N GLY D 103 -16.77 -0.37 -4.20
CA GLY D 103 -17.41 0.79 -4.83
C GLY D 103 -17.38 2.06 -3.99
N TYR D 104 -18.28 2.98 -4.35
CA TYR D 104 -18.36 4.35 -3.81
C TYR D 104 -19.53 5.10 -4.45
N SER D 105 -19.95 6.21 -3.85
CA SER D 105 -21.13 7.01 -4.29
C SER D 105 -20.86 8.52 -4.15
N ILE D 106 -21.31 9.30 -5.13
CA ILE D 106 -21.17 10.79 -5.21
C ILE D 106 -22.58 11.42 -5.03
N THR D 107 -23.07 11.46 -3.79
CA THR D 107 -24.26 12.25 -3.36
C THR D 107 -24.06 13.72 -3.76
N PHE D 108 -25.16 14.45 -3.99
CA PHE D 108 -25.24 15.93 -4.17
C PHE D 108 -26.38 16.47 -3.28
N HIS D 109 -26.08 17.19 -2.19
CA HIS D 109 -27.10 17.78 -1.28
C HIS D 109 -27.72 19.05 -1.89
N PHE D 110 -28.93 19.39 -1.44
CA PHE D 110 -29.72 20.58 -1.86
C PHE D 110 -30.70 21.00 -0.75
N THR D 111 -31.33 22.16 -0.96
CA THR D 111 -32.25 22.84 -0.03
C THR D 111 -33.44 23.42 -0.82
N SER D 112 -34.34 24.13 -0.14
CA SER D 112 -35.55 24.78 -0.70
C SER D 112 -35.25 25.26 -2.12
N ASN D 113 -35.88 24.64 -3.13
CA ASN D 113 -35.91 25.15 -4.53
C ASN D 113 -37.02 24.42 -5.28
N PRO D 114 -37.98 25.16 -5.88
CA PRO D 114 -39.16 24.57 -6.52
C PRO D 114 -38.92 23.61 -7.69
N PHE D 115 -37.87 23.85 -8.48
CA PHE D 115 -37.76 23.04 -9.72
C PHE D 115 -37.74 21.56 -9.39
N PHE D 116 -36.92 21.13 -8.44
CA PHE D 116 -36.97 19.69 -8.10
C PHE D 116 -36.99 19.52 -6.58
N GLU D 117 -37.93 18.69 -6.12
CA GLU D 117 -38.16 18.40 -4.69
C GLU D 117 -37.19 17.32 -4.25
N ASP D 118 -36.42 16.75 -5.17
CA ASP D 118 -35.47 15.69 -4.74
C ASP D 118 -34.43 16.35 -3.82
N ALA D 119 -34.03 15.66 -2.74
CA ALA D 119 -33.05 16.16 -1.75
C ALA D 119 -31.65 15.65 -2.07
N LYS D 120 -31.50 14.97 -3.20
CA LYS D 120 -30.19 14.44 -3.67
C LYS D 120 -30.11 14.32 -5.20
N LEU D 121 -28.92 13.96 -5.68
CA LEU D 121 -28.64 13.41 -7.04
C LEU D 121 -27.38 12.55 -6.95
N THR D 122 -27.44 11.45 -6.20
CA THR D 122 -26.33 10.47 -6.01
C THR D 122 -26.03 9.78 -7.34
N LYS D 123 -24.87 9.14 -7.47
CA LYS D 123 -24.54 8.28 -8.65
C LYS D 123 -23.57 7.17 -8.21
N THR D 124 -24.14 6.13 -7.59
CA THR D 124 -23.43 5.03 -6.88
C THR D 124 -22.70 4.14 -7.89
N PHE D 125 -21.73 3.35 -7.43
CA PHE D 125 -20.88 2.40 -8.21
C PHE D 125 -20.64 1.12 -7.39
N THR D 126 -20.43 -0.02 -8.08
CA THR D 126 -19.90 -1.30 -7.52
C THR D 126 -19.15 -2.08 -8.61
N PHE D 127 -17.96 -2.60 -8.32
CA PHE D 127 -17.12 -3.32 -9.31
C PHE D 127 -16.19 -4.31 -8.60
N LEU D 128 -16.24 -5.58 -9.01
CA LEU D 128 -15.22 -6.63 -8.72
C LEU D 128 -15.51 -7.88 -9.57
N GLU D 130 -12.84 -6.33 -11.83
CA GLU D 130 -12.80 -5.00 -12.43
C GLU D 130 -13.32 -5.03 -13.86
N GLY D 131 -13.48 -6.23 -14.41
CA GLY D 131 -13.98 -6.40 -15.77
C GLY D 131 -15.38 -5.85 -15.95
N THR D 132 -16.24 -6.09 -14.96
CA THR D 132 -17.62 -5.62 -15.02
C THR D 132 -17.93 -4.63 -13.90
N THR D 133 -18.52 -3.51 -14.25
CA THR D 133 -18.88 -2.48 -13.29
C THR D 133 -20.39 -2.26 -13.27
N LYS D 134 -20.80 -1.05 -12.93
CA LYS D 134 -22.27 -0.71 -12.90
C LYS D 134 -22.51 0.71 -12.36
N ILE D 135 -23.70 1.28 -12.61
CA ILE D 135 -24.09 2.68 -12.25
C ILE D 135 -25.60 2.76 -12.03
N THR D 136 -26.05 2.95 -10.78
CA THR D 136 -27.48 3.24 -10.41
C THR D 136 -27.58 4.64 -9.79
N ALA D 137 -28.27 5.55 -10.48
CA ALA D 137 -28.30 7.01 -10.19
C ALA D 137 -29.73 7.45 -9.86
N THR D 138 -29.87 8.39 -8.91
CA THR D 138 -31.16 8.98 -8.47
C THR D 138 -31.95 9.48 -9.68
N PRO D 139 -33.26 9.14 -9.80
CA PRO D 139 -34.12 9.71 -10.83
C PRO D 139 -34.56 11.14 -10.46
N ILE D 140 -34.44 12.07 -11.41
CA ILE D 140 -34.58 13.54 -11.15
C ILE D 140 -36.08 13.86 -11.02
N LYS D 141 -36.50 14.36 -9.84
CA LYS D 141 -37.91 14.76 -9.57
C LYS D 141 -38.05 16.26 -9.86
N TRP D 142 -38.08 16.62 -11.15
CA TRP D 142 -38.42 17.99 -11.64
C TRP D 142 -39.75 18.43 -11.01
N LYS D 143 -39.73 19.43 -10.12
CA LYS D 143 -40.91 19.90 -9.34
C LYS D 143 -41.95 20.52 -10.29
N GLU D 144 -43.02 21.07 -9.74
CA GLU D 144 -44.17 21.68 -10.48
C GLU D 144 -43.68 22.61 -11.59
N PHE D 170 -26.76 17.79 -15.94
CA PHE D 170 -27.49 16.65 -15.33
C PHE D 170 -27.66 15.47 -16.31
N THR D 171 -26.87 15.38 -17.38
CA THR D 171 -26.93 14.33 -18.43
C THR D 171 -26.05 13.13 -18.03
N TRP D 172 -26.15 12.72 -16.76
CA TRP D 172 -25.15 11.90 -16.04
C TRP D 172 -25.79 10.57 -15.58
N PHE D 173 -27.06 10.60 -15.21
CA PHE D 173 -27.72 9.64 -14.28
C PHE D 173 -28.44 8.52 -15.06
N THR D 174 -27.99 7.27 -14.87
CA THR D 174 -28.71 6.03 -15.31
C THR D 174 -29.91 5.80 -14.38
N HIS D 187 -14.07 3.78 -17.70
CA HIS D 187 -14.50 4.73 -18.76
C HIS D 187 -14.69 6.12 -18.16
N ASP D 188 -15.72 6.30 -17.32
CA ASP D 188 -16.30 7.61 -16.86
C ASP D 188 -15.17 8.53 -16.34
N GLU D 189 -15.22 9.80 -16.74
CA GLU D 189 -14.19 10.83 -16.44
C GLU D 189 -14.67 11.73 -15.32
N VAL D 190 -15.97 12.08 -15.33
CA VAL D 190 -16.57 13.09 -14.41
C VAL D 190 -16.45 12.58 -12.97
N ALA D 191 -16.94 11.36 -12.69
CA ALA D 191 -16.93 10.72 -11.36
C ALA D 191 -15.49 10.68 -10.80
N ASP D 192 -14.51 10.30 -11.65
CA ASP D 192 -13.06 10.32 -11.33
C ASP D 192 -12.65 11.71 -10.81
N ILE D 193 -12.94 12.76 -11.59
CA ILE D 193 -12.45 14.14 -11.32
C ILE D 193 -13.18 14.69 -10.07
N ILE D 194 -14.35 14.16 -9.72
CA ILE D 194 -15.06 14.55 -8.47
C ILE D 194 -14.44 13.76 -7.30
N LYS D 195 -14.24 12.45 -7.45
CA LYS D 195 -13.68 11.60 -6.37
C LYS D 195 -12.23 12.04 -6.10
N GLU D 196 -11.36 12.03 -7.12
CA GLU D 196 -9.88 12.07 -6.97
C GLU D 196 -9.35 13.50 -6.87
N ASP D 197 -10.00 14.49 -7.49
CA ASP D 197 -9.45 15.88 -7.62
C ASP D 197 -10.19 16.85 -6.69
N LEU D 198 -11.45 17.11 -6.98
CA LEU D 198 -12.22 18.21 -6.33
C LEU D 198 -12.51 17.83 -4.88
N TRP D 199 -13.18 16.72 -4.64
CA TRP D 199 -13.54 16.20 -3.29
C TRP D 199 -12.27 16.22 -2.40
N SER D 200 -11.21 15.62 -2.92
CA SER D 200 -9.84 15.62 -2.36
C SER D 200 -9.56 17.02 -1.78
N ASN D 201 -9.49 18.02 -2.67
CA ASN D 201 -9.21 19.44 -2.33
C ASN D 201 -10.10 20.35 -3.17
N PRO D 202 -11.21 20.87 -2.61
CA PRO D 202 -12.08 21.80 -3.34
C PRO D 202 -11.63 23.27 -3.24
N LEU D 203 -10.94 23.59 -2.15
CA LEU D 203 -10.48 24.94 -1.78
C LEU D 203 -9.48 25.46 -2.83
N THR D 204 -8.64 24.59 -3.41
CA THR D 204 -7.67 24.99 -4.46
C THR D 204 -8.43 25.74 -5.55
N TYR D 205 -9.58 25.21 -5.95
CA TYR D 205 -10.39 25.72 -7.10
C TYR D 205 -11.14 26.98 -6.66
N PHE D 206 -11.83 26.91 -5.53
CA PHE D 206 -12.55 28.04 -4.86
C PHE D 206 -11.73 29.35 -4.84
N ASN D 207 -10.39 29.30 -4.76
CA ASN D 207 -9.53 30.52 -4.74
C ASN D 207 -9.16 30.89 -6.18
N GLY E 11 -5.37 26.03 29.46
CA GLY E 11 -6.20 27.08 28.79
C GLY E 11 -5.52 27.56 27.52
N LEU E 12 -4.78 26.69 26.85
CA LEU E 12 -3.94 27.05 25.69
C LEU E 12 -4.82 27.32 24.48
N GLN E 13 -4.65 28.48 23.86
CA GLN E 13 -5.32 28.82 22.59
C GLN E 13 -4.72 27.99 21.44
N PHE E 14 -3.43 27.68 21.51
CA PHE E 14 -2.69 27.01 20.40
C PHE E 14 -3.04 25.53 20.34
N PRO E 15 -2.99 24.95 19.11
CA PRO E 15 -3.60 23.64 18.80
C PRO E 15 -2.67 22.45 19.04
N VAL E 16 -2.59 22.07 20.31
CA VAL E 16 -1.74 20.94 20.82
C VAL E 16 -1.76 19.76 19.82
N GLY E 17 -2.94 19.38 19.35
CA GLY E 17 -3.07 18.22 18.45
C GLY E 17 -2.37 18.51 17.14
N ARG E 18 -2.68 19.65 16.53
CA ARG E 18 -2.26 19.99 15.14
C ARG E 18 -0.73 20.00 15.10
N ILE E 19 -0.12 20.41 16.22
CA ILE E 19 1.36 20.52 16.38
C ILE E 19 1.97 19.13 16.49
N ALA E 20 1.32 18.22 17.19
CA ALA E 20 1.83 16.84 17.34
C ALA E 20 1.98 16.24 15.93
N ARG E 21 0.98 16.39 15.06
CA ARG E 21 1.12 16.03 13.63
C ARG E 21 2.29 16.78 12.94
N PHE E 22 2.41 18.11 13.09
CA PHE E 22 3.46 18.86 12.36
C PHE E 22 4.81 18.24 12.68
N LEU E 23 5.01 17.84 13.94
CA LEU E 23 6.29 17.23 14.41
C LEU E 23 6.48 15.85 13.78
N LYS E 24 5.47 14.97 13.79
CA LYS E 24 5.62 13.57 13.32
C LYS E 24 5.64 13.54 11.79
N ALA E 25 4.65 14.14 11.13
CA ALA E 25 4.52 14.15 9.64
C ALA E 25 5.69 14.92 8.99
N GLY E 26 6.39 15.76 9.77
CA GLY E 26 7.56 16.52 9.31
C GLY E 26 8.82 15.70 9.39
N LYS E 27 8.71 14.49 9.94
CA LYS E 27 9.83 13.53 9.94
C LYS E 27 10.95 14.17 10.79
N TYR E 28 10.60 14.90 11.85
CA TYR E 28 11.58 15.48 12.79
C TYR E 28 12.15 14.34 13.64
N ALA E 29 11.27 13.68 14.39
CA ALA E 29 11.58 12.36 14.98
C ALA E 29 10.45 11.41 14.64
N GLU E 30 10.69 10.13 14.87
CA GLU E 30 9.74 9.05 14.50
C GLU E 30 8.76 8.91 15.66
N ARG E 31 9.16 9.27 16.88
CA ARG E 31 8.29 9.14 18.07
C ARG E 31 8.28 10.48 18.82
N VAL E 32 7.13 10.83 19.40
CA VAL E 32 6.90 12.14 20.08
C VAL E 32 6.14 11.87 21.38
N GLY E 33 6.73 12.20 22.52
CA GLY E 33 6.06 12.12 23.83
C GLY E 33 4.85 13.02 23.86
N ALA E 34 3.80 12.64 24.59
CA ALA E 34 2.55 13.43 24.68
C ALA E 34 2.85 14.84 25.20
N GLY E 35 3.85 15.01 26.09
CA GLY E 35 4.21 16.31 26.69
C GLY E 35 4.90 17.29 25.74
N ALA E 36 5.40 16.83 24.60
CA ALA E 36 6.26 17.64 23.70
C ALA E 36 5.45 18.65 22.89
N PRO E 37 4.34 18.25 22.23
CA PRO E 37 3.55 19.20 21.48
C PRO E 37 2.82 20.13 22.48
N VAL E 38 2.62 19.68 23.72
CA VAL E 38 1.93 20.54 24.71
C VAL E 38 2.90 21.64 25.11
N TYR E 39 4.15 21.28 25.34
CA TYR E 39 5.19 22.24 25.78
C TYR E 39 5.50 23.19 24.61
N LEU E 40 5.57 22.66 23.39
CA LEU E 40 5.84 23.47 22.17
C LEU E 40 4.64 24.39 21.98
N ALA E 41 3.41 23.90 22.22
CA ALA E 41 2.16 24.68 22.03
C ALA E 41 2.23 25.94 22.86
N ALA E 42 2.50 25.83 24.16
CA ALA E 42 2.52 26.98 25.12
C ALA E 42 3.62 28.00 24.73
N VAL E 43 4.74 27.51 24.21
CA VAL E 43 5.92 28.35 23.84
C VAL E 43 5.50 29.19 22.66
N LEU E 44 5.05 28.57 21.57
CA LEU E 44 4.60 29.31 20.35
C LEU E 44 3.57 30.38 20.76
N GLU E 45 2.69 30.08 21.71
CA GLU E 45 1.64 31.01 22.19
C GLU E 45 2.28 32.15 22.99
N TYR E 46 3.17 31.81 23.92
CA TYR E 46 3.84 32.83 24.77
C TYR E 46 4.50 33.88 23.86
N LEU E 47 5.17 33.43 22.79
CA LEU E 47 5.87 34.33 21.84
C LEU E 47 4.85 35.18 21.10
N ALA E 48 3.72 34.59 20.70
CA ALA E 48 2.57 35.29 20.07
C ALA E 48 2.08 36.39 21.01
N ALA E 49 1.86 36.06 22.29
CA ALA E 49 1.40 37.01 23.34
C ALA E 49 2.38 38.18 23.47
N GLU E 50 3.65 37.98 23.12
CA GLU E 50 4.71 39.02 23.29
C GLU E 50 4.73 39.96 22.09
N VAL E 51 4.71 39.43 20.87
CA VAL E 51 4.70 40.28 19.64
C VAL E 51 3.33 40.96 19.56
N LEU E 52 2.28 40.38 20.16
CA LEU E 52 0.91 40.94 20.10
C LEU E 52 0.72 42.05 21.16
N GLU E 53 1.07 41.77 22.42
CA GLU E 53 1.20 42.81 23.49
C GLU E 53 1.79 44.09 22.88
N LEU E 54 2.98 43.97 22.27
CA LEU E 54 3.85 45.09 21.80
C LEU E 54 3.33 45.67 20.49
N ALA E 55 2.97 44.86 19.49
CA ALA E 55 2.53 45.34 18.16
C ALA E 55 1.09 45.86 18.24
N GLY E 56 0.41 45.62 19.37
CA GLY E 56 -0.88 46.26 19.70
C GLY E 56 -0.70 47.47 20.61
N ASN E 57 0.49 47.67 21.18
CA ASN E 57 0.89 48.91 21.90
C ASN E 57 1.44 49.92 20.89
N ALA E 58 1.97 49.46 19.76
CA ALA E 58 2.37 50.30 18.61
C ALA E 58 1.09 50.87 17.88
N ALA E 59 -0.14 50.52 18.36
CA ALA E 59 -1.43 51.04 17.85
C ALA E 59 -1.74 52.34 18.58
N ARG E 60 -1.55 52.29 19.90
CA ARG E 60 -1.81 53.41 20.84
C ARG E 60 -0.73 54.50 20.68
N ASP E 61 0.53 54.11 20.52
CA ASP E 61 1.64 55.06 20.26
C ASP E 61 1.40 55.76 18.92
N ASN E 62 0.97 55.01 17.90
CA ASN E 62 0.70 55.53 16.54
C ASN E 62 -0.76 55.97 16.42
N LYS E 63 -1.53 55.93 17.52
CA LYS E 63 -2.92 56.46 17.58
C LYS E 63 -3.73 55.85 16.44
N LYS E 64 -3.65 54.52 16.29
CA LYS E 64 -4.41 53.74 15.28
C LYS E 64 -4.95 52.49 15.99
N THR E 65 -5.70 51.62 15.29
CA THR E 65 -6.27 50.40 15.96
C THR E 65 -6.15 49.15 15.07
N ARG E 66 -6.35 49.26 13.75
CA ARG E 66 -6.05 48.17 12.80
C ARG E 66 -4.52 47.99 12.77
N ILE E 67 -3.98 46.91 13.37
CA ILE E 67 -2.52 46.56 13.38
C ILE E 67 -2.09 46.15 11.95
N VAL E 68 -1.13 46.89 11.36
CA VAL E 68 -0.75 46.77 9.92
C VAL E 68 0.72 46.33 9.81
N PRO E 69 1.19 45.90 8.62
CA PRO E 69 2.59 45.48 8.49
C PRO E 69 3.51 46.35 9.37
N ARG E 70 3.20 47.64 9.41
CA ARG E 70 4.00 48.67 10.14
C ARG E 70 4.03 48.34 11.63
N HIS E 71 2.93 48.59 12.34
CA HIS E 71 2.83 48.57 13.82
C HIS E 71 3.75 47.49 14.44
N ILE E 72 3.75 46.26 13.93
CA ILE E 72 4.65 45.16 14.41
C ILE E 72 6.11 45.61 14.34
N GLN E 73 6.58 45.94 13.14
CA GLN E 73 8.00 46.28 12.85
C GLN E 73 8.60 47.20 13.94
N LEU E 74 7.91 48.27 14.31
CA LEU E 74 8.44 49.21 15.34
C LEU E 74 8.31 48.56 16.72
N ALA E 75 7.39 47.60 16.87
CA ALA E 75 7.14 46.86 18.13
C ALA E 75 8.30 45.90 18.42
N VAL E 76 8.97 45.40 17.38
CA VAL E 76 10.10 44.41 17.50
C VAL E 76 11.40 45.17 17.80
N ARG E 77 11.70 46.22 17.03
CA ARG E 77 13.01 46.92 17.06
C ARG E 77 13.18 47.65 18.40
N ASN E 78 12.08 48.03 19.04
CA ASN E 78 12.03 48.64 20.40
C ASN E 78 12.43 47.62 21.47
N ASP E 79 11.77 46.44 21.50
CA ASP E 79 12.19 45.31 22.38
C ASP E 79 13.50 44.73 21.83
N GLU E 80 14.53 44.70 22.70
CA GLU E 80 15.89 44.18 22.41
C GLU E 80 15.78 42.79 21.79
N GLU E 81 15.38 41.80 22.59
CA GLU E 81 15.52 40.35 22.31
C GLU E 81 14.80 40.01 21.00
N LEU E 82 13.55 40.46 20.86
CA LEU E 82 12.64 40.09 19.75
C LEU E 82 13.24 40.50 18.39
N SER E 83 14.26 41.36 18.36
CA SER E 83 15.00 41.74 17.11
C SER E 83 15.96 40.62 16.71
N LYS E 84 16.87 40.24 17.62
CA LYS E 84 17.86 39.15 17.46
C LYS E 84 17.13 37.85 17.10
N LEU E 85 15.96 37.59 17.69
CA LEU E 85 15.17 36.35 17.37
C LEU E 85 14.69 36.38 15.93
N LEU E 86 13.74 37.26 15.64
CA LEU E 86 13.00 37.28 14.34
C LEU E 86 13.80 38.02 13.27
N GLY E 87 14.91 38.66 13.65
CA GLY E 87 15.77 39.38 12.70
C GLY E 87 15.11 40.67 12.21
N ASP E 88 15.53 41.15 11.05
CA ASP E 88 14.98 42.40 10.46
C ASP E 88 13.61 42.11 9.86
N VAL E 89 12.73 43.09 9.89
CA VAL E 89 11.35 42.95 9.36
C VAL E 89 11.13 44.00 8.28
N THR E 90 10.60 43.59 7.14
CA THR E 90 10.36 44.52 6.00
C THR E 90 8.93 44.41 5.50
N ILE E 91 8.31 45.58 5.30
CA ILE E 91 6.92 45.67 4.80
C ILE E 91 6.95 45.66 3.28
N ASN F 7 6.73 24.19 2.57
CA ASN F 7 5.80 24.10 3.74
C ASN F 7 5.57 25.47 4.37
N VAL F 8 4.34 25.73 4.76
CA VAL F 8 3.97 26.77 5.76
C VAL F 8 2.60 26.40 6.31
N GLU F 9 2.47 26.39 7.64
CA GLU F 9 1.19 26.06 8.31
C GLU F 9 0.52 27.38 8.69
N THR F 10 -0.77 27.29 9.02
CA THR F 10 -1.63 28.39 9.50
C THR F 10 -1.74 28.22 11.01
N TYR F 11 -1.30 29.21 11.79
CA TYR F 11 -1.57 29.29 13.25
C TYR F 11 -2.54 30.46 13.50
N LYS F 12 -3.13 30.98 12.42
CA LYS F 12 -3.76 32.33 12.35
C LYS F 12 -4.96 32.38 13.31
N ILE F 13 -5.79 31.33 13.28
CA ILE F 13 -6.96 31.22 14.21
C ILE F 13 -6.49 31.53 15.64
N TYR F 14 -5.31 30.99 16.02
CA TYR F 14 -4.82 30.92 17.42
C TYR F 14 -3.94 32.14 17.71
N ILE F 15 -3.60 32.90 16.67
CA ILE F 15 -3.02 34.28 16.81
C ILE F 15 -4.16 35.20 17.25
N PHE F 16 -5.15 35.37 16.37
CA PHE F 16 -6.42 36.04 16.69
C PHE F 16 -6.80 35.75 18.14
N LYS F 17 -6.95 34.48 18.55
CA LYS F 17 -7.53 34.14 19.88
C LYS F 17 -6.66 34.72 20.99
N VAL F 18 -5.37 34.95 20.72
CA VAL F 18 -4.39 35.51 21.70
C VAL F 18 -4.49 37.04 21.71
N LEU F 19 -4.48 37.67 20.53
CA LEU F 19 -4.75 39.13 20.33
C LEU F 19 -5.93 39.58 21.23
N LYS F 20 -7.07 38.89 21.11
CA LYS F 20 -8.34 39.17 21.85
C LYS F 20 -8.19 38.84 23.36
N GLN F 21 -6.98 38.70 23.90
CA GLN F 21 -6.74 38.61 25.37
C GLN F 21 -5.90 39.80 25.81
N VAL F 22 -4.73 39.97 25.22
CA VAL F 22 -3.78 41.08 25.55
C VAL F 22 -4.42 42.43 25.21
N HIS F 23 -5.05 42.50 24.01
CA HIS F 23 -5.61 43.74 23.41
C HIS F 23 -6.97 43.43 22.80
N PRO F 24 -8.01 43.15 23.64
CA PRO F 24 -9.33 42.80 23.13
C PRO F 24 -9.79 43.61 21.91
N ASP F 25 -9.68 44.95 21.99
CA ASP F 25 -10.42 45.90 21.12
C ASP F 25 -9.58 46.32 19.91
N ILE F 26 -8.64 45.48 19.45
CA ILE F 26 -7.67 45.84 18.38
C ILE F 26 -7.65 44.70 17.35
N GLY F 27 -7.72 45.03 16.06
CA GLY F 27 -7.76 44.05 14.95
C GLY F 27 -6.39 43.87 14.35
N ILE F 28 -6.30 43.36 13.11
CA ILE F 28 -5.00 43.17 12.40
C ILE F 28 -5.21 42.97 10.89
N SER F 29 -4.44 43.68 10.04
CA SER F 29 -4.59 43.67 8.57
C SER F 29 -4.05 42.36 8.00
N SER F 30 -4.43 42.03 6.75
CA SER F 30 -4.17 40.73 6.08
C SER F 30 -2.67 40.43 6.03
N LYS F 31 -1.84 41.37 5.58
CA LYS F 31 -0.38 41.12 5.47
C LYS F 31 0.25 41.18 6.87
N ALA F 32 -0.42 41.85 7.81
CA ALA F 32 0.04 41.98 9.22
C ALA F 32 -0.07 40.63 9.93
N MET F 33 -1.15 39.89 9.66
CA MET F 33 -1.36 38.49 10.17
C MET F 33 -0.43 37.54 9.43
N GLY F 34 -0.27 37.71 8.11
CA GLY F 34 0.63 36.87 7.29
C GLY F 34 2.11 37.11 7.59
N ILE F 35 2.41 38.00 8.55
CA ILE F 35 3.79 38.28 9.06
C ILE F 35 3.91 37.72 10.48
N MET F 36 2.81 37.68 11.25
CA MET F 36 2.75 36.93 12.54
C MET F 36 2.90 35.43 12.26
N ASN F 37 2.07 34.88 11.37
CA ASN F 37 2.20 33.48 10.88
C ASN F 37 3.65 33.23 10.42
N SER F 38 4.18 34.03 9.49
CA SER F 38 5.58 33.92 8.98
C SER F 38 6.56 33.74 10.13
N PHE F 39 6.30 34.33 11.30
CA PHE F 39 7.17 34.25 12.51
C PHE F 39 6.99 32.92 13.24
N ILE F 40 5.76 32.50 13.50
CA ILE F 40 5.49 31.24 14.25
C ILE F 40 6.07 30.09 13.41
N ASN F 41 5.84 30.06 12.10
CA ASN F 41 6.47 29.04 11.23
C ASN F 41 8.00 29.14 11.37
N ASP F 42 8.60 30.33 11.41
CA ASP F 42 10.08 30.43 11.51
C ASP F 42 10.55 29.83 12.87
N ILE F 43 9.84 30.04 13.99
CA ILE F 43 10.23 29.49 15.33
C ILE F 43 9.97 27.99 15.37
N PHE F 44 8.86 27.50 14.82
CA PHE F 44 8.52 26.05 14.84
C PHE F 44 9.68 25.26 14.22
N GLU F 45 10.19 25.68 13.06
CA GLU F 45 11.33 25.02 12.41
C GLU F 45 12.50 25.08 13.41
N LYS F 46 12.91 26.28 13.77
CA LYS F 46 14.12 26.46 14.60
C LYS F 46 14.03 25.49 15.78
N LEU F 47 12.87 25.36 16.43
CA LEU F 47 12.65 24.49 17.62
C LEU F 47 12.61 22.99 17.28
N ALA F 48 11.77 22.54 16.35
CA ALA F 48 11.62 21.11 15.97
C ALA F 48 12.94 20.57 15.40
N GLN F 49 13.60 21.31 14.50
CA GLN F 49 14.89 20.92 13.89
C GLN F 49 15.93 20.78 15.00
N GLU F 50 15.96 21.71 15.94
CA GLU F 50 16.89 21.65 17.08
C GLU F 50 16.55 20.44 17.95
N SER F 51 15.31 20.36 18.46
CA SER F 51 14.77 19.21 19.22
C SER F 51 15.06 17.88 18.50
N SER F 52 15.12 17.86 17.17
CA SER F 52 15.37 16.61 16.42
C SER F 52 16.85 16.19 16.57
N LYS F 53 17.76 17.16 16.61
CA LYS F 53 19.19 16.93 16.92
C LYS F 53 19.34 16.44 18.37
N LEU F 54 18.56 17.01 19.31
CA LEU F 54 18.58 16.62 20.75
C LEU F 54 18.05 15.21 20.96
N ALA F 55 16.99 14.85 20.27
CA ALA F 55 16.41 13.50 20.44
C ALA F 55 17.26 12.47 19.68
N ARG F 56 18.20 12.88 18.82
CA ARG F 56 19.03 11.94 18.01
C ARG F 56 20.41 11.80 18.66
N TYR F 57 20.91 12.84 19.33
CA TYR F 57 22.06 12.75 20.27
C TYR F 57 21.69 11.63 21.25
N ASN F 58 20.56 11.76 21.97
CA ASN F 58 20.18 10.83 23.06
C ASN F 58 19.88 9.40 22.51
N LYS F 59 20.50 8.38 23.09
CA LYS F 59 20.31 6.98 22.64
C LYS F 59 19.58 6.19 23.72
N LYS F 60 19.12 6.88 24.77
CA LYS F 60 18.54 6.23 25.96
C LYS F 60 17.05 6.01 25.67
N PRO F 61 16.55 4.78 25.82
CA PRO F 61 15.20 4.46 25.38
C PRO F 61 14.20 5.08 26.36
N THR F 62 13.08 5.56 25.80
CA THR F 62 11.97 6.29 26.44
C THR F 62 10.75 5.38 26.54
N ILE F 63 10.07 5.40 27.68
CA ILE F 63 8.74 4.76 27.87
C ILE F 63 7.67 5.83 27.61
N THR F 64 6.97 5.70 26.47
CA THR F 64 5.81 6.56 26.11
C THR F 64 4.54 5.73 26.35
N SER F 65 3.39 6.26 25.96
CA SER F 65 2.08 5.60 26.14
C SER F 65 1.95 4.38 25.21
N ARG F 66 2.56 4.42 24.02
CA ARG F 66 2.53 3.29 23.04
C ARG F 66 2.99 2.01 23.74
N GLU F 67 4.11 2.14 24.48
CA GLU F 67 4.79 1.07 25.25
C GLU F 67 3.88 0.60 26.40
N ILE F 68 3.36 1.53 27.21
CA ILE F 68 2.44 1.17 28.33
C ILE F 68 1.25 0.43 27.72
N GLN F 69 0.75 0.91 26.58
CA GLN F 69 -0.55 0.43 26.04
C GLN F 69 -0.36 -1.00 25.56
N THR F 70 0.74 -1.26 24.87
CA THR F 70 1.13 -2.63 24.43
C THR F 70 1.29 -3.53 25.66
N ALA F 71 1.92 -3.02 26.71
CA ALA F 71 2.14 -3.74 27.99
C ALA F 71 0.79 -4.14 28.56
N VAL F 72 -0.20 -3.25 28.52
CA VAL F 72 -1.56 -3.59 29.00
C VAL F 72 -2.03 -4.85 28.28
N ARG F 73 -1.89 -4.91 26.95
CA ARG F 73 -2.45 -6.03 26.13
C ARG F 73 -1.74 -7.35 26.47
N LEU F 74 -0.43 -7.31 26.69
CA LEU F 74 0.40 -8.53 26.87
C LEU F 74 0.18 -9.09 28.27
N VAL F 75 -0.10 -8.21 29.23
CA VAL F 75 -0.10 -8.57 30.67
C VAL F 75 -1.54 -8.77 31.13
N LEU F 76 -2.43 -7.88 30.74
CA LEU F 76 -3.85 -7.99 31.12
C LEU F 76 -4.52 -9.01 30.23
N PRO F 77 -5.53 -9.74 30.75
CA PRO F 77 -6.25 -10.67 29.90
C PRO F 77 -7.54 -10.14 29.26
N GLY F 78 -7.62 -10.24 27.93
CA GLY F 78 -8.91 -10.14 27.19
C GLY F 78 -9.64 -8.81 27.33
N GLU F 79 -10.81 -8.88 27.95
CA GLU F 79 -11.75 -7.73 28.07
C GLU F 79 -11.24 -6.77 29.15
N LEU F 80 -10.71 -7.28 30.26
CA LEU F 80 -10.03 -6.38 31.24
C LEU F 80 -9.16 -5.40 30.45
N ALA F 81 -8.40 -5.95 29.51
CA ALA F 81 -7.41 -5.26 28.68
C ALA F 81 -8.10 -4.27 27.73
N LYS F 82 -9.16 -4.68 27.04
CA LYS F 82 -9.86 -3.80 26.07
C LYS F 82 -10.44 -2.59 26.79
N HIS F 83 -11.00 -2.80 27.99
CA HIS F 83 -11.50 -1.74 28.90
C HIS F 83 -10.34 -0.84 29.32
N ALA F 84 -9.28 -1.41 29.91
CA ALA F 84 -8.02 -0.74 30.37
C ALA F 84 -7.49 0.19 29.27
N VAL F 85 -7.39 -0.30 28.05
CA VAL F 85 -6.93 0.52 26.91
C VAL F 85 -7.91 1.68 26.70
N SER F 86 -9.21 1.40 26.70
CA SER F 86 -10.18 2.49 26.48
C SER F 86 -9.84 3.60 27.48
N GLU F 87 -9.70 3.22 28.75
CA GLU F 87 -9.53 4.11 29.93
C GLU F 87 -8.22 4.92 29.77
N GLY F 88 -7.10 4.24 29.52
CA GLY F 88 -5.77 4.86 29.37
C GLY F 88 -5.72 5.83 28.20
N THR F 89 -6.24 5.41 27.05
CA THR F 89 -6.34 6.20 25.80
C THR F 89 -7.18 7.45 26.04
N LYS F 90 -8.16 7.37 26.94
CA LYS F 90 -9.13 8.45 27.24
C LYS F 90 -8.48 9.47 28.17
N ALA F 91 -7.56 9.02 29.02
CA ALA F 91 -6.86 9.88 30.00
C ALA F 91 -5.83 10.76 29.27
N VAL F 92 -5.06 10.14 28.36
CA VAL F 92 -4.00 10.79 27.53
C VAL F 92 -4.67 11.78 26.56
N THR F 93 -5.76 11.37 25.90
CA THR F 93 -6.46 12.21 24.89
C THR F 93 -6.99 13.48 25.57
N LYS F 94 -7.42 13.36 26.83
CA LYS F 94 -8.01 14.47 27.62
C LYS F 94 -6.89 15.45 28.04
N PHE F 95 -5.72 14.90 28.35
CA PHE F 95 -4.48 15.64 28.74
C PHE F 95 -3.86 16.38 27.53
N THR F 96 -4.19 15.94 26.33
CA THR F 96 -3.72 16.59 25.09
C THR F 96 -4.68 17.71 24.66
N SER F 97 -5.98 17.48 24.79
CA SER F 97 -7.05 18.41 24.29
C SER F 97 -6.90 19.83 24.88
#